data_3NX6
# 
_entry.id   3NX6 
# 
_audit_conform.dict_name       mmcif_pdbx.dic 
_audit_conform.dict_version    5.380 
_audit_conform.dict_location   http://mmcif.pdb.org/dictionaries/ascii/mmcif_pdbx.dic 
# 
loop_
_database_2.database_id 
_database_2.database_code 
_database_2.pdbx_database_accession 
_database_2.pdbx_DOI 
PDB   3NX6         pdb_00003nx6 10.2210/pdb3nx6/pdb 
RCSB  RCSB060390   ?            ?                   
WWPDB D_1000060390 ?            ?                   
# 
_pdbx_database_status.status_code                     REL 
_pdbx_database_status.entry_id                        3NX6 
_pdbx_database_status.recvd_initial_deposition_date   2010-07-13 
_pdbx_database_status.deposit_site                    RCSB 
_pdbx_database_status.process_site                    PDBJ 
_pdbx_database_status.status_code_sf                  REL 
_pdbx_database_status.status_code_mr                  ? 
_pdbx_database_status.SG_entry                        ? 
_pdbx_database_status.pdb_format_compatible           Y 
_pdbx_database_status.status_code_cs                  ? 
_pdbx_database_status.status_code_nmr_data            ? 
_pdbx_database_status.methods_development_category    ? 
# 
loop_
_audit_author.name 
_audit_author.pdbx_ordinal 
'Natarajan, S.' 1 
'Doan, T.T.N.'  2 
'Kang, L.-W.'   3 
# 
_citation.id                        primary 
_citation.title                     
'Crystal Structure of co-chaperonin, GroES (Xoo4289) from Xanthomonas oryzae pv. oryzae KACC10331' 
_citation.journal_abbrev            'to be published' 
_citation.journal_volume            ? 
_citation.page_first                ? 
_citation.page_last                 ? 
_citation.year                      ? 
_citation.journal_id_ASTM           ? 
_citation.country                   ? 
_citation.journal_id_ISSN           ? 
_citation.journal_id_CSD            0353 
_citation.book_publisher            ? 
_citation.pdbx_database_id_PubMed   ? 
_citation.pdbx_database_id_DOI      ? 
# 
loop_
_citation_author.citation_id 
_citation_author.name 
_citation_author.ordinal 
_citation_author.identifier_ORCID 
primary 'Natarajan, S.' 1 ? 
primary 'Doan, T.T.N.'  2 ? 
primary 'Kang, L.-W.'   3 ? 
# 
_cell.entry_id           3NX6 
_cell.length_a           64.410 
_cell.length_b           64.410 
_cell.length_c           36.500 
_cell.angle_alpha        90.00 
_cell.angle_beta         90.00 
_cell.angle_gamma        120.00 
_cell.Z_PDB              6 
_cell.pdbx_unique_axis   ? 
_cell.length_a_esd       ? 
_cell.length_b_esd       ? 
_cell.length_c_esd       ? 
_cell.angle_alpha_esd    ? 
_cell.angle_beta_esd     ? 
_cell.angle_gamma_esd    ? 
# 
_symmetry.entry_id                         3NX6 
_symmetry.space_group_name_H-M             'P 61' 
_symmetry.pdbx_full_space_group_name_H-M   ? 
_symmetry.cell_setting                     ? 
_symmetry.Int_Tables_number                169 
_symmetry.space_group_name_Hall            ? 
# 
loop_
_entity.id 
_entity.type 
_entity.src_method 
_entity.pdbx_description 
_entity.formula_weight 
_entity.pdbx_number_of_molecules 
_entity.pdbx_ec 
_entity.pdbx_mutation 
_entity.pdbx_fragment 
_entity.details 
1 polymer man '10kDa chaperonin' 9974.401 1  ? R55H 'UNP residues 40-134' ? 
2 water   nat water              18.015   37 ? ?    ?                     ? 
# 
_entity_name_com.entity_id   1 
_entity_name_com.name        'co-chaperonin, GroES' 
# 
_entity_poly.entity_id                      1 
_entity_poly.type                           'polypeptide(L)' 
_entity_poly.nstd_linkage                   no 
_entity_poly.nstd_monomer                   no 
_entity_poly.pdbx_seq_one_letter_code       
;MSIKPLHDRVVVKPIEADEVSAGGIVIPDSAKEKSTKGEVVAIGAGKPLDNGSLHAPVVKVGDKVIYGQYAGSSYKSEGV
EYKVLREDDILAVIG
;
_entity_poly.pdbx_seq_one_letter_code_can   
;MSIKPLHDRVVVKPIEADEVSAGGIVIPDSAKEKSTKGEVVAIGAGKPLDNGSLHAPVVKVGDKVIYGQYAGSSYKSEGV
EYKVLREDDILAVIG
;
_entity_poly.pdbx_strand_id                 A 
_entity_poly.pdbx_target_identifier         ? 
# 
loop_
_entity_poly_seq.entity_id 
_entity_poly_seq.num 
_entity_poly_seq.mon_id 
_entity_poly_seq.hetero 
1 1  MET n 
1 2  SER n 
1 3  ILE n 
1 4  LYS n 
1 5  PRO n 
1 6  LEU n 
1 7  HIS n 
1 8  ASP n 
1 9  ARG n 
1 10 VAL n 
1 11 VAL n 
1 12 VAL n 
1 13 LYS n 
1 14 PRO n 
1 15 ILE n 
1 16 GLU n 
1 17 ALA n 
1 18 ASP n 
1 19 GLU n 
1 20 VAL n 
1 21 SER n 
1 22 ALA n 
1 23 GLY n 
1 24 GLY n 
1 25 ILE n 
1 26 VAL n 
1 27 ILE n 
1 28 PRO n 
1 29 ASP n 
1 30 SER n 
1 31 ALA n 
1 32 LYS n 
1 33 GLU n 
1 34 LYS n 
1 35 SER n 
1 36 THR n 
1 37 LYS n 
1 38 GLY n 
1 39 GLU n 
1 40 VAL n 
1 41 VAL n 
1 42 ALA n 
1 43 ILE n 
1 44 GLY n 
1 45 ALA n 
1 46 GLY n 
1 47 LYS n 
1 48 PRO n 
1 49 LEU n 
1 50 ASP n 
1 51 ASN n 
1 52 GLY n 
1 53 SER n 
1 54 LEU n 
1 55 HIS n 
1 56 ALA n 
1 57 PRO n 
1 58 VAL n 
1 59 VAL n 
1 60 LYS n 
1 61 VAL n 
1 62 GLY n 
1 63 ASP n 
1 64 LYS n 
1 65 VAL n 
1 66 ILE n 
1 67 TYR n 
1 68 GLY n 
1 69 GLN n 
1 70 TYR n 
1 71 ALA n 
1 72 GLY n 
1 73 SER n 
1 74 SER n 
1 75 TYR n 
1 76 LYS n 
1 77 SER n 
1 78 GLU n 
1 79 GLY n 
1 80 VAL n 
1 81 GLU n 
1 82 TYR n 
1 83 LYS n 
1 84 VAL n 
1 85 LEU n 
1 86 ARG n 
1 87 GLU n 
1 88 ASP n 
1 89 ASP n 
1 90 ILE n 
1 91 LEU n 
1 92 ALA n 
1 93 VAL n 
1 94 ILE n 
1 95 GLY n 
# 
_entity_src_gen.entity_id                          1 
_entity_src_gen.pdbx_src_id                        1 
_entity_src_gen.pdbx_alt_source_flag               sample 
_entity_src_gen.pdbx_seq_type                      ? 
_entity_src_gen.pdbx_beg_seq_num                   ? 
_entity_src_gen.pdbx_end_seq_num                   ? 
_entity_src_gen.gene_src_common_name               ? 
_entity_src_gen.gene_src_genus                     ? 
_entity_src_gen.pdbx_gene_src_gene                 Xoo4289 
_entity_src_gen.gene_src_species                   ? 
_entity_src_gen.gene_src_strain                    KACC10331 
_entity_src_gen.gene_src_tissue                    ? 
_entity_src_gen.gene_src_tissue_fraction           ? 
_entity_src_gen.gene_src_details                   ? 
_entity_src_gen.pdbx_gene_src_fragment             ? 
_entity_src_gen.pdbx_gene_src_scientific_name      'Xanthomonas oryzae pv. oryzae' 
_entity_src_gen.pdbx_gene_src_ncbi_taxonomy_id     291331 
_entity_src_gen.pdbx_gene_src_variant              ? 
_entity_src_gen.pdbx_gene_src_cell_line            ? 
_entity_src_gen.pdbx_gene_src_atcc                 ? 
_entity_src_gen.pdbx_gene_src_organ                ? 
_entity_src_gen.pdbx_gene_src_organelle            ? 
_entity_src_gen.pdbx_gene_src_cell                 ? 
_entity_src_gen.pdbx_gene_src_cellular_location    ? 
_entity_src_gen.host_org_common_name               ? 
_entity_src_gen.pdbx_host_org_scientific_name      'Escherichia coli' 
_entity_src_gen.pdbx_host_org_ncbi_taxonomy_id     469008 
_entity_src_gen.host_org_genus                     ? 
_entity_src_gen.pdbx_host_org_gene                 ? 
_entity_src_gen.pdbx_host_org_organ                ? 
_entity_src_gen.host_org_species                   ? 
_entity_src_gen.pdbx_host_org_tissue               ? 
_entity_src_gen.pdbx_host_org_tissue_fraction      ? 
_entity_src_gen.pdbx_host_org_strain               ? 
_entity_src_gen.pdbx_host_org_variant              ? 
_entity_src_gen.pdbx_host_org_cell_line            ? 
_entity_src_gen.pdbx_host_org_atcc                 ? 
_entity_src_gen.pdbx_host_org_culture_collection   ? 
_entity_src_gen.pdbx_host_org_cell                 ? 
_entity_src_gen.pdbx_host_org_organelle            ? 
_entity_src_gen.pdbx_host_org_cellular_location    ? 
_entity_src_gen.pdbx_host_org_vector_type          plasmid 
_entity_src_gen.pdbx_host_org_vector               ? 
_entity_src_gen.host_org_details                   ? 
_entity_src_gen.expression_system_id               ? 
_entity_src_gen.plasmid_name                       pET11a 
_entity_src_gen.plasmid_details                    ? 
_entity_src_gen.pdbx_description                   ? 
# 
_struct_ref.id                         1 
_struct_ref.db_name                    UNP 
_struct_ref.db_code                    Q5GUT0_XANOR 
_struct_ref.pdbx_db_accession          Q5GUT0 
_struct_ref.entity_id                  1 
_struct_ref.pdbx_seq_one_letter_code   
;MSIKPLHDRVVVKPIEADEVSAGGIVIPDSAKEKSTKGEVVAIGAGKPLDNGSLRAPVVKVGDKVIYGQYAGSSYKSEGV
EYKVLREDDILAVIG
;
_struct_ref.pdbx_align_begin           40 
_struct_ref.pdbx_db_isoform            ? 
# 
_struct_ref_seq.align_id                      1 
_struct_ref_seq.ref_id                        1 
_struct_ref_seq.pdbx_PDB_id_code              3NX6 
_struct_ref_seq.pdbx_strand_id                A 
_struct_ref_seq.seq_align_beg                 1 
_struct_ref_seq.pdbx_seq_align_beg_ins_code   ? 
_struct_ref_seq.seq_align_end                 95 
_struct_ref_seq.pdbx_seq_align_end_ins_code   ? 
_struct_ref_seq.pdbx_db_accession             Q5GUT0 
_struct_ref_seq.db_align_beg                  40 
_struct_ref_seq.pdbx_db_align_beg_ins_code    ? 
_struct_ref_seq.db_align_end                  134 
_struct_ref_seq.pdbx_db_align_end_ins_code    ? 
_struct_ref_seq.pdbx_auth_seq_align_beg       1 
_struct_ref_seq.pdbx_auth_seq_align_end       95 
# 
_struct_ref_seq_dif.align_id                     1 
_struct_ref_seq_dif.pdbx_pdb_id_code             3NX6 
_struct_ref_seq_dif.mon_id                       HIS 
_struct_ref_seq_dif.pdbx_pdb_strand_id           A 
_struct_ref_seq_dif.seq_num                      55 
_struct_ref_seq_dif.pdbx_pdb_ins_code            ? 
_struct_ref_seq_dif.pdbx_seq_db_name             UNP 
_struct_ref_seq_dif.pdbx_seq_db_accession_code   Q5GUT0 
_struct_ref_seq_dif.db_mon_id                    ARG 
_struct_ref_seq_dif.pdbx_seq_db_seq_num          94 
_struct_ref_seq_dif.details                      'engineered mutation' 
_struct_ref_seq_dif.pdbx_auth_seq_num            55 
_struct_ref_seq_dif.pdbx_ordinal                 1 
# 
loop_
_chem_comp.id 
_chem_comp.type 
_chem_comp.mon_nstd_flag 
_chem_comp.name 
_chem_comp.pdbx_synonyms 
_chem_comp.formula 
_chem_comp.formula_weight 
ALA 'L-peptide linking' y ALANINE         ? 'C3 H7 N O2'     89.093  
ARG 'L-peptide linking' y ARGININE        ? 'C6 H15 N4 O2 1' 175.209 
ASN 'L-peptide linking' y ASPARAGINE      ? 'C4 H8 N2 O3'    132.118 
ASP 'L-peptide linking' y 'ASPARTIC ACID' ? 'C4 H7 N O4'     133.103 
GLN 'L-peptide linking' y GLUTAMINE       ? 'C5 H10 N2 O3'   146.144 
GLU 'L-peptide linking' y 'GLUTAMIC ACID' ? 'C5 H9 N O4'     147.129 
GLY 'peptide linking'   y GLYCINE         ? 'C2 H5 N O2'     75.067  
HIS 'L-peptide linking' y HISTIDINE       ? 'C6 H10 N3 O2 1' 156.162 
HOH non-polymer         . WATER           ? 'H2 O'           18.015  
ILE 'L-peptide linking' y ISOLEUCINE      ? 'C6 H13 N O2'    131.173 
LEU 'L-peptide linking' y LEUCINE         ? 'C6 H13 N O2'    131.173 
LYS 'L-peptide linking' y LYSINE          ? 'C6 H15 N2 O2 1' 147.195 
MET 'L-peptide linking' y METHIONINE      ? 'C5 H11 N O2 S'  149.211 
PRO 'L-peptide linking' y PROLINE         ? 'C5 H9 N O2'     115.130 
SER 'L-peptide linking' y SERINE          ? 'C3 H7 N O3'     105.093 
THR 'L-peptide linking' y THREONINE       ? 'C4 H9 N O3'     119.119 
TYR 'L-peptide linking' y TYROSINE        ? 'C9 H11 N O3'    181.189 
VAL 'L-peptide linking' y VALINE          ? 'C5 H11 N O2'    117.146 
# 
_exptl.entry_id          3NX6 
_exptl.method            'X-RAY DIFFRACTION' 
_exptl.crystals_number   1 
# 
_exptl_crystal.id                    1 
_exptl_crystal.density_meas          ? 
_exptl_crystal.density_Matthews      2.19 
_exptl_crystal.density_percent_sol   43.87 
_exptl_crystal.description           ? 
_exptl_crystal.F_000                 ? 
_exptl_crystal.preparation           ? 
# 
_exptl_crystal_grow.crystal_id      1 
_exptl_crystal_grow.method          'VAPOR DIFFUSION, HANGING DROP' 
_exptl_crystal_grow.temp            287 
_exptl_crystal_grow.temp_details    ? 
_exptl_crystal_grow.pH              4.1 
_exptl_crystal_grow.pdbx_details    
'0.2M Sodium citrate pH 4.1, 16% PEG 400, 0.2M Li2SO4, VAPOR DIFFUSION, HANGING DROP, temperature 287K' 
_exptl_crystal_grow.pdbx_pH_range   . 
# 
_diffrn.id                     1 
_diffrn.ambient_temp           100 
_diffrn.ambient_temp_details   ? 
_diffrn.crystal_id             1 
# 
_diffrn_detector.diffrn_id              1 
_diffrn_detector.detector               CCD 
_diffrn_detector.type                   'ADSC QUANTUM 210' 
_diffrn_detector.pdbx_collection_date   2010-06-11 
_diffrn_detector.details                ? 
# 
_diffrn_radiation.diffrn_id                        1 
_diffrn_radiation.wavelength_id                    1 
_diffrn_radiation.pdbx_monochromatic_or_laue_m_l   M 
_diffrn_radiation.monochromator                    ? 
_diffrn_radiation.pdbx_diffrn_protocol             'SINGLE WAVELENGTH' 
_diffrn_radiation.pdbx_scattering_type             x-ray 
# 
_diffrn_radiation_wavelength.id           1 
_diffrn_radiation_wavelength.wavelength   1.00000 
_diffrn_radiation_wavelength.wt           1.0 
# 
_diffrn_source.diffrn_id                   1 
_diffrn_source.source                      SYNCHROTRON 
_diffrn_source.type                        'PAL/PLS BEAMLINE 4A' 
_diffrn_source.pdbx_synchrotron_site       PAL/PLS 
_diffrn_source.pdbx_synchrotron_beamline   4A 
_diffrn_source.pdbx_wavelength             ? 
_diffrn_source.pdbx_wavelength_list        1.00000 
# 
_reflns.entry_id                     3NX6 
_reflns.observed_criterion_sigma_I   1 
_reflns.observed_criterion_sigma_F   1 
_reflns.d_resolution_low             55.78 
_reflns.d_resolution_high            1.97 
_reflns.number_obs                   5590 
_reflns.number_all                   6225 
_reflns.percent_possible_obs         94.52 
_reflns.pdbx_Rmerge_I_obs            ? 
_reflns.pdbx_Rsym_value              ? 
_reflns.pdbx_netI_over_sigmaI        ? 
_reflns.B_iso_Wilson_estimate        ? 
_reflns.pdbx_redundancy              ? 
_reflns.R_free_details               ? 
_reflns.limit_h_max                  ? 
_reflns.limit_h_min                  ? 
_reflns.limit_k_max                  ? 
_reflns.limit_k_min                  ? 
_reflns.limit_l_max                  ? 
_reflns.limit_l_min                  ? 
_reflns.observed_criterion_F_max     ? 
_reflns.observed_criterion_F_min     ? 
_reflns.pdbx_chi_squared             ? 
_reflns.pdbx_scaling_rejects         ? 
_reflns.pdbx_diffrn_id               1 
_reflns.pdbx_ordinal                 1 
# 
_reflns_shell.d_res_high                  1.97 
_reflns_shell.d_res_low                   2.08 
_reflns_shell.percent_possible_all        98.9 
_reflns_shell.Rmerge_I_obs                ? 
_reflns_shell.pdbx_Rsym_value             ? 
_reflns_shell.meanI_over_sigI_obs         ? 
_reflns_shell.pdbx_redundancy             ? 
_reflns_shell.percent_possible_obs        ? 
_reflns_shell.number_unique_all           ? 
_reflns_shell.number_measured_all         ? 
_reflns_shell.number_measured_obs         ? 
_reflns_shell.number_unique_obs           ? 
_reflns_shell.pdbx_chi_squared            ? 
_reflns_shell.pdbx_rejects                ? 
_reflns_shell.pdbx_netI_over_sigmaI_obs   ? 
_reflns_shell.number_possible             ? 
_reflns_shell.Rmerge_F_all                ? 
_reflns_shell.Rmerge_F_obs                ? 
_reflns_shell.Rmerge_I_all                ? 
_reflns_shell.meanI_over_sigI_all         ? 
_reflns_shell.pdbx_Rrim_I_all             ? 
_reflns_shell.pdbx_Rpim_I_all             ? 
_reflns_shell.pdbx_diffrn_id              ? 
_reflns_shell.pdbx_ordinal                1 
# 
_refine.entry_id                                 3NX6 
_refine.ls_number_reflns_obs                     5590 
_refine.ls_number_reflns_all                     6225 
_refine.pdbx_ls_sigma_I                          ? 
_refine.pdbx_ls_sigma_F                          ? 
_refine.pdbx_data_cutoff_high_absF               ? 
_refine.pdbx_data_cutoff_low_absF                ? 
_refine.pdbx_data_cutoff_high_rms_absF           ? 
_refine.ls_d_res_low                             32.21 
_refine.ls_d_res_high                            1.97 
_refine.ls_percent_reflns_obs                    94.52 
_refine.ls_R_factor_obs                          0.21722 
_refine.ls_R_factor_all                          0.21722 
_refine.ls_R_factor_R_work                       0.21394 
_refine.ls_R_factor_R_free                       0.29163 
_refine.ls_R_factor_R_free_error                 ? 
_refine.ls_R_factor_R_free_error_details         ? 
_refine.ls_percent_reflns_R_free                 4.6 
_refine.ls_number_reflns_R_free                  271 
_refine.ls_number_parameters                     ? 
_refine.ls_number_restraints                     ? 
_refine.occupancy_min                            ? 
_refine.occupancy_max                            ? 
_refine.correlation_coeff_Fo_to_Fc               0.957 
_refine.correlation_coeff_Fo_to_Fc_free          0.912 
_refine.B_iso_mean                               36.821 
_refine.aniso_B[1][1]                            -0.03 
_refine.aniso_B[2][2]                            -0.03 
_refine.aniso_B[3][3]                            0.04 
_refine.aniso_B[1][2]                            -0.01 
_refine.aniso_B[1][3]                            0.00 
_refine.aniso_B[2][3]                            0.00 
_refine.solvent_model_details                    MASK 
_refine.solvent_model_param_ksol                 ? 
_refine.solvent_model_param_bsol                 ? 
_refine.pdbx_solvent_vdw_probe_radii             1.20 
_refine.pdbx_solvent_ion_probe_radii             0.80 
_refine.pdbx_solvent_shrinkage_radii             0.80 
_refine.pdbx_ls_cross_valid_method               THROUGHOUT 
_refine.details                                  'HYDROGENS HAVE BEEN ADDED IN THE RIDING POSITIONS' 
_refine.pdbx_starting_model                      'PDB ENTRY 1WNR' 
_refine.pdbx_method_to_determine_struct          'MOLECULAR REPLACEMENT' 
_refine.pdbx_isotropic_thermal_model             ? 
_refine.pdbx_stereochemistry_target_values       'MAXIMUM LIKELIHOOD' 
_refine.pdbx_stereochem_target_val_spec_case     ? 
_refine.pdbx_R_Free_selection_details            RANDOM 
_refine.pdbx_overall_ESU_R_Free                  0.195 
_refine.overall_SU_ML                            0.163 
_refine.overall_SU_B                             6.215 
_refine.overall_SU_R_Cruickshank_DPI             ? 
_refine.ls_redundancy_reflns_obs                 ? 
_refine.B_iso_min                                ? 
_refine.B_iso_max                                ? 
_refine.overall_SU_R_free                        ? 
_refine.ls_wR_factor_R_free                      ? 
_refine.ls_wR_factor_R_work                      ? 
_refine.overall_FOM_free_R_set                   ? 
_refine.overall_FOM_work_R_set                   ? 
_refine.pdbx_refine_id                           'X-RAY DIFFRACTION' 
_refine.pdbx_overall_phase_error                 ? 
_refine.pdbx_overall_ESU_R                       ? 
_refine.pdbx_diffrn_id                           1 
_refine.pdbx_TLS_residual_ADP_flag               ? 
_refine.pdbx_overall_SU_R_free_Cruickshank_DPI   ? 
_refine.pdbx_overall_SU_R_Blow_DPI               ? 
_refine.pdbx_overall_SU_R_free_Blow_DPI          ? 
# 
_refine_hist.pdbx_refine_id                   'X-RAY DIFFRACTION' 
_refine_hist.cycle_id                         LAST 
_refine_hist.pdbx_number_atoms_protein        559 
_refine_hist.pdbx_number_atoms_nucleic_acid   0 
_refine_hist.pdbx_number_atoms_ligand         0 
_refine_hist.number_atoms_solvent             37 
_refine_hist.number_atoms_total               596 
_refine_hist.d_res_high                       1.97 
_refine_hist.d_res_low                        32.21 
# 
loop_
_refine_ls_restr.type 
_refine_ls_restr.dev_ideal 
_refine_ls_restr.dev_ideal_target 
_refine_ls_restr.weight 
_refine_ls_restr.number 
_refine_ls_restr.pdbx_refine_id 
_refine_ls_restr.pdbx_restraint_function 
r_bond_refined_d       0.027  0.022  ? 567 'X-RAY DIFFRACTION' ? 
r_bond_other_d         0.001  0.020  ? 386 'X-RAY DIFFRACTION' ? 
r_angle_refined_deg    2.170  1.996  ? 765 'X-RAY DIFFRACTION' ? 
r_angle_other_deg      1.049  3.000  ? 955 'X-RAY DIFFRACTION' ? 
r_dihedral_angle_1_deg 8.399  5.000  ? 73  'X-RAY DIFFRACTION' ? 
r_dihedral_angle_2_deg 43.340 24.737 ? 19  'X-RAY DIFFRACTION' ? 
r_dihedral_angle_3_deg 15.906 15.000 ? 101 'X-RAY DIFFRACTION' ? 
r_dihedral_angle_4_deg 23.390 15.000 ? 2   'X-RAY DIFFRACTION' ? 
r_chiral_restr         0.112  0.200  ? 90  'X-RAY DIFFRACTION' ? 
r_gen_planes_refined   0.008  0.021  ? 613 'X-RAY DIFFRACTION' ? 
r_gen_planes_other     0.001  0.020  ? 97  'X-RAY DIFFRACTION' ? 
r_mcbond_it            1.357  1.500  ? 368 'X-RAY DIFFRACTION' ? 
r_mcbond_other         0.230  1.500  ? 154 'X-RAY DIFFRACTION' ? 
r_mcangle_it           2.519  2.000  ? 593 'X-RAY DIFFRACTION' ? 
r_scbond_it            3.323  3.000  ? 199 'X-RAY DIFFRACTION' ? 
r_scangle_it           6.099  4.500  ? 172 'X-RAY DIFFRACTION' ? 
# 
_refine_ls_shell.pdbx_refine_id                   'X-RAY DIFFRACTION' 
_refine_ls_shell.pdbx_total_number_of_bins_used   20 
_refine_ls_shell.d_res_high                       1.974 
_refine_ls_shell.d_res_low                        2.025 
_refine_ls_shell.number_reflns_R_work             376 
_refine_ls_shell.R_factor_R_work                  0.397 
_refine_ls_shell.percent_reflns_obs               83.44 
_refine_ls_shell.R_factor_R_free                  0.497 
_refine_ls_shell.R_factor_R_free_error            ? 
_refine_ls_shell.percent_reflns_R_free            ? 
_refine_ls_shell.number_reflns_R_free             17 
_refine_ls_shell.number_reflns_all                ? 
_refine_ls_shell.R_factor_all                     ? 
_refine_ls_shell.number_reflns_obs                ? 
_refine_ls_shell.redundancy_reflns_obs            ? 
# 
_struct.entry_id                  3NX6 
_struct.title                     
'Crystal Structure of co-chaperonin, GroES (Xoo4289) from Xanthomonas oryzae pv. oryzae KACC10331' 
_struct.pdbx_model_details        ? 
_struct.pdbx_CASP_flag            ? 
_struct.pdbx_model_type_details   ? 
# 
_struct_keywords.entry_id        3NX6 
_struct_keywords.pdbx_keywords   CHAPERONE 
_struct_keywords.text            'Bacterial blight, Xoo4289, GroES, Xanthomonas oryzae pv. oryzae KACC10331, CHAPERONE' 
# 
loop_
_struct_asym.id 
_struct_asym.pdbx_blank_PDB_chainid_flag 
_struct_asym.pdbx_modified 
_struct_asym.entity_id 
_struct_asym.details 
A N N 1 ? 
B N N 2 ? 
# 
_struct_biol.id        1 
_struct_biol.details   'IN SOLUTION IT COULD FORM HEPTAMER.' 
# 
loop_
_struct_sheet.id 
_struct_sheet.type 
_struct_sheet.number_strands 
_struct_sheet.details 
A ? 6 ? 
B ? 2 ? 
# 
loop_
_struct_sheet_order.sheet_id 
_struct_sheet_order.range_id_1 
_struct_sheet_order.range_id_2 
_struct_sheet_order.offset 
_struct_sheet_order.sense 
A 1 2 ? anti-parallel 
A 2 3 ? anti-parallel 
A 3 4 ? anti-parallel 
A 4 5 ? anti-parallel 
A 5 6 ? anti-parallel 
B 1 2 ? anti-parallel 
# 
loop_
_struct_sheet_range.sheet_id 
_struct_sheet_range.id 
_struct_sheet_range.beg_label_comp_id 
_struct_sheet_range.beg_label_asym_id 
_struct_sheet_range.beg_label_seq_id 
_struct_sheet_range.pdbx_beg_PDB_ins_code 
_struct_sheet_range.end_label_comp_id 
_struct_sheet_range.end_label_asym_id 
_struct_sheet_range.end_label_seq_id 
_struct_sheet_range.pdbx_end_PDB_ins_code 
_struct_sheet_range.beg_auth_comp_id 
_struct_sheet_range.beg_auth_asym_id 
_struct_sheet_range.beg_auth_seq_id 
_struct_sheet_range.end_auth_comp_id 
_struct_sheet_range.end_auth_asym_id 
_struct_sheet_range.end_auth_seq_id 
A 1 SER A 73 ? SER A 77 ? SER A 73 SER A 77 
A 2 VAL A 80 ? ARG A 86 ? VAL A 80 ARG A 86 
A 3 ARG A 9  ? PRO A 14 ? ARG A 9  PRO A 14 
A 4 THR A 36 ? ILE A 43 ? THR A 36 ILE A 43 
A 5 LYS A 64 ? TYR A 67 ? LYS A 64 TYR A 67 
A 6 ILE A 90 ? GLY A 95 ? ILE A 90 GLY A 95 
B 1 LYS A 47 ? PRO A 48 ? LYS A 47 PRO A 48 
B 2 LEU A 54 ? HIS A 55 ? LEU A 54 HIS A 55 
# 
loop_
_pdbx_struct_sheet_hbond.sheet_id 
_pdbx_struct_sheet_hbond.range_id_1 
_pdbx_struct_sheet_hbond.range_id_2 
_pdbx_struct_sheet_hbond.range_1_label_atom_id 
_pdbx_struct_sheet_hbond.range_1_label_comp_id 
_pdbx_struct_sheet_hbond.range_1_label_asym_id 
_pdbx_struct_sheet_hbond.range_1_label_seq_id 
_pdbx_struct_sheet_hbond.range_1_PDB_ins_code 
_pdbx_struct_sheet_hbond.range_1_auth_atom_id 
_pdbx_struct_sheet_hbond.range_1_auth_comp_id 
_pdbx_struct_sheet_hbond.range_1_auth_asym_id 
_pdbx_struct_sheet_hbond.range_1_auth_seq_id 
_pdbx_struct_sheet_hbond.range_2_label_atom_id 
_pdbx_struct_sheet_hbond.range_2_label_comp_id 
_pdbx_struct_sheet_hbond.range_2_label_asym_id 
_pdbx_struct_sheet_hbond.range_2_label_seq_id 
_pdbx_struct_sheet_hbond.range_2_PDB_ins_code 
_pdbx_struct_sheet_hbond.range_2_auth_atom_id 
_pdbx_struct_sheet_hbond.range_2_auth_comp_id 
_pdbx_struct_sheet_hbond.range_2_auth_asym_id 
_pdbx_struct_sheet_hbond.range_2_auth_seq_id 
A 1 2 N SER A 73 ? N SER A 73 O VAL A 84 ? O VAL A 84 
A 2 3 O LEU A 85 ? O LEU A 85 N VAL A 10 ? N VAL A 10 
A 3 4 N VAL A 11 ? N VAL A 11 O VAL A 41 ? O VAL A 41 
A 4 5 N GLY A 38 ? N GLY A 38 O VAL A 65 ? O VAL A 65 
A 5 6 N LYS A 64 ? N LYS A 64 O ILE A 94 ? O ILE A 94 
B 1 2 N LYS A 47 ? N LYS A 47 O HIS A 55 ? O HIS A 55 
# 
_atom_sites.entry_id                    3NX6 
_atom_sites.fract_transf_matrix[1][1]   0.01676651 
_atom_sites.fract_transf_matrix[1][2]   0.00631324 
_atom_sites.fract_transf_matrix[1][3]   0.00066104 
_atom_sites.fract_transf_matrix[2][1]   0.00810670 
_atom_sites.fract_transf_matrix[2][2]   0.00549668 
_atom_sites.fract_transf_matrix[2][3]   -0.01501483 
_atom_sites.fract_transf_matrix[3][1]   -0.00968823 
_atom_sites.fract_transf_matrix[3][2]   0.02530735 
_atom_sites.fract_transf_matrix[3][3]   0.00403381 
_atom_sites.fract_transf_vector[1]      0.643007 
_atom_sites.fract_transf_vector[2]      0.850599 
_atom_sites.fract_transf_vector[3]      0.066204 
# 
loop_
_atom_type.symbol 
C 
N 
O 
# 
loop_
_atom_site.group_PDB 
_atom_site.id 
_atom_site.type_symbol 
_atom_site.label_atom_id 
_atom_site.label_alt_id 
_atom_site.label_comp_id 
_atom_site.label_asym_id 
_atom_site.label_entity_id 
_atom_site.label_seq_id 
_atom_site.pdbx_PDB_ins_code 
_atom_site.Cartn_x 
_atom_site.Cartn_y 
_atom_site.Cartn_z 
_atom_site.occupancy 
_atom_site.B_iso_or_equiv 
_atom_site.pdbx_formal_charge 
_atom_site.auth_seq_id 
_atom_site.auth_comp_id 
_atom_site.auth_asym_id 
_atom_site.auth_atom_id 
_atom_site.pdbx_PDB_model_num 
ATOM   1   N N   . SER A 1 2  ? -10.184 -2.751  9.053   1.00 59.09 ? 2   SER A N   1 
ATOM   2   C CA  . SER A 1 2  ? -9.994  -1.909  10.298  1.00 58.32 ? 2   SER A CA  1 
ATOM   3   C C   . SER A 1 2  ? -8.671  -1.100  10.204  1.00 56.74 ? 2   SER A C   1 
ATOM   4   O O   . SER A 1 2  ? -8.685  0.157   10.326  1.00 58.31 ? 2   SER A O   1 
ATOM   5   C CB  . SER A 1 2  ? -10.052 -2.800  11.564  1.00 58.89 ? 2   SER A CB  1 
ATOM   6   O OG  . SER A 1 2  ? -9.237  -3.970  11.442  1.00 60.99 ? 2   SER A OG  1 
ATOM   7   N N   . ILE A 1 3  ? -7.564  -1.827  9.956   1.00 52.68 ? 3   ILE A N   1 
ATOM   8   C CA  . ILE A 1 3  ? -6.211  -1.275  9.730   1.00 49.41 ? 3   ILE A CA  1 
ATOM   9   C C   . ILE A 1 3  ? -6.123  0.059   9.008   1.00 46.66 ? 3   ILE A C   1 
ATOM   10  O O   . ILE A 1 3  ? -6.532  0.186   7.843   1.00 46.91 ? 3   ILE A O   1 
ATOM   11  C CB  . ILE A 1 3  ? -5.459  -2.176  8.849   1.00 48.67 ? 3   ILE A CB  1 
ATOM   12  C CG1 . ILE A 1 3  ? -3.986  -1.769  8.828   1.00 48.90 ? 3   ILE A CG1 1 
ATOM   13  C CG2 . ILE A 1 3  ? -6.030  -2.078  7.459   1.00 49.88 ? 3   ILE A CG2 1 
ATOM   14  C CD1 . ILE A 1 3  ? -3.156  -2.601  7.942   1.00 45.83 ? 3   ILE A CD1 1 
ATOM   15  N N   . LYS A 1 4  ? -5.553  1.042   9.679   1.00 43.23 ? 4   LYS A N   1 
ATOM   16  C CA  . LYS A 1 4  ? -5.360  2.351   9.087   1.00 41.59 ? 4   LYS A CA  1 
ATOM   17  C C   . LYS A 1 4  ? -3.859  2.678   8.859   1.00 39.22 ? 4   LYS A C   1 
ATOM   18  O O   . LYS A 1 4  ? -3.143  2.990   9.841   1.00 37.52 ? 4   LYS A O   1 
ATOM   19  C CB  . LYS A 1 4  ? -5.941  3.364   9.999   1.00 41.75 ? 4   LYS A CB  1 
ATOM   20  C CG  . LYS A 1 4  ? -5.731  4.748   9.554   1.00 44.00 ? 4   LYS A CG  1 
ATOM   21  C CD  . LYS A 1 4  ? -5.309  5.480   10.741  1.00 49.17 ? 4   LYS A CD  1 
ATOM   22  C CE  . LYS A 1 4  ? -5.345  6.964   10.546  1.00 53.28 ? 4   LYS A CE  1 
ATOM   23  N NZ  . LYS A 1 4  ? -4.474  7.482   11.690  1.00 58.69 ? 4   LYS A NZ  1 
ATOM   24  N N   . PRO A 1 5  ? -3.394  2.614   7.579   1.00 36.71 ? 5   PRO A N   1 
ATOM   25  C CA  . PRO A 1 5  ? -1.989  2.911   7.273   1.00 34.62 ? 5   PRO A CA  1 
ATOM   26  C C   . PRO A 1 5  ? -1.669  4.331   7.463   1.00 32.54 ? 5   PRO A C   1 
ATOM   27  O O   . PRO A 1 5  ? -2.501  5.227   7.299   1.00 33.22 ? 5   PRO A O   1 
ATOM   28  C CB  . PRO A 1 5  ? -1.815  2.492   5.811   1.00 34.24 ? 5   PRO A CB  1 
ATOM   29  C CG  . PRO A 1 5  ? -3.136  2.497   5.242   1.00 35.55 ? 5   PRO A CG  1 
ATOM   30  C CD  . PRO A 1 5  ? -4.131  2.240   6.356   1.00 37.87 ? 5   PRO A CD  1 
ATOM   31  N N   . LEU A 1 6  ? -0.436  4.516   7.829   1.00 31.29 ? 6   LEU A N   1 
ATOM   32  C CA  . LEU A 1 6  ? 0.151   5.806   8.080   1.00 31.72 ? 6   LEU A CA  1 
ATOM   33  C C   . LEU A 1 6  ? 1.084   6.266   6.958   1.00 32.37 ? 6   LEU A C   1 
ATOM   34  O O   . LEU A 1 6  ? 1.699   5.445   6.251   1.00 32.47 ? 6   LEU A O   1 
ATOM   35  C CB  . LEU A 1 6  ? 0.936   5.743   9.417   1.00 31.99 ? 6   LEU A CB  1 
ATOM   36  C CG  . LEU A 1 6  ? 0.219   5.939   10.713  1.00 31.97 ? 6   LEU A CG  1 
ATOM   37  C CD1 . LEU A 1 6  ? -1.002  5.236   10.845  1.00 31.96 ? 6   LEU A CD1 1 
ATOM   38  C CD2 . LEU A 1 6  ? 1.151   5.646   11.847  1.00 35.99 ? 6   LEU A CD2 1 
ATOM   39  N N   . HIS A 1 7  ? 1.249   7.580   6.847   1.00 32.34 ? 7   HIS A N   1 
ATOM   40  C CA  . HIS A 1 7  ? 2.313   8.178   6.038   1.00 33.90 ? 7   HIS A CA  1 
ATOM   41  C C   . HIS A 1 7  ? 2.133   7.688   4.600   1.00 33.74 ? 7   HIS A C   1 
ATOM   42  O O   . HIS A 1 7  ? 1.046   7.884   4.014   1.00 34.05 ? 7   HIS A O   1 
ATOM   43  C CB  . HIS A 1 7  ? 3.710   7.832   6.622   1.00 35.11 ? 7   HIS A CB  1 
ATOM   44  C CG  . HIS A 1 7  ? 4.108   8.586   7.867   1.00 36.44 ? 7   HIS A CG  1 
ATOM   45  N ND1 . HIS A 1 7  ? 3.198   9.183   8.719   1.00 38.40 ? 7   HIS A ND1 1 
ATOM   46  C CD2 . HIS A 1 7  ? 5.339   8.852   8.384   1.00 37.53 ? 7   HIS A CD2 1 
ATOM   47  C CE1 . HIS A 1 7  ? 3.850   9.797   9.693   1.00 40.13 ? 7   HIS A CE1 1 
ATOM   48  N NE2 . HIS A 1 7  ? 5.151   9.610   9.519   1.00 40.29 ? 7   HIS A NE2 1 
ATOM   49  N N   . ASP A 1 8  ? 3.154   7.034   4.029   1.00 34.01 ? 8   ASP A N   1 
ATOM   50  C CA  . ASP A 1 8  ? 3.125   6.475   2.646   1.00 34.84 ? 8   ASP A CA  1 
ATOM   51  C C   . ASP A 1 8  ? 3.031   4.936   2.549   1.00 35.04 ? 8   ASP A C   1 
ATOM   52  O O   . ASP A 1 8  ? 3.329   4.347   1.508   1.00 36.09 ? 8   ASP A O   1 
ATOM   53  C CB  . ASP A 1 8  ? 4.396   6.886   1.913   1.00 36.84 ? 8   ASP A CB  1 
ATOM   54  C CG  . ASP A 1 8  ? 5.712   6.303   2.571   1.00 40.95 ? 8   ASP A CG  1 
ATOM   55  O OD1 . ASP A 1 8  ? 5.679   5.836   3.741   1.00 44.99 ? 8   ASP A OD1 1 
ATOM   56  O OD2 . ASP A 1 8  ? 6.819   6.326   1.913   1.00 49.78 ? 8   ASP A OD2 1 
ATOM   57  N N   . ARG A 1 9  ? 2.552   4.312   3.626   1.00 34.09 ? 9   ARG A N   1 
ATOM   58  C CA  . ARG A 1 9  ? 2.203   2.921   3.689   1.00 32.68 ? 9   ARG A CA  1 
ATOM   59  C C   . ARG A 1 9  ? 0.948   2.663   2.899   1.00 31.52 ? 9   ARG A C   1 
ATOM   60  O O   . ARG A 1 9  ? 0.085   3.530   2.766   1.00 28.76 ? 9   ARG A O   1 
ATOM   61  C CB  . ARG A 1 9  ? 2.028   2.509   5.158   1.00 33.88 ? 9   ARG A CB  1 
ATOM   62  C CG  . ARG A 1 9  ? 3.221   2.876   6.013   1.00 32.96 ? 9   ARG A CG  1 
ATOM   63  C CD  . ARG A 1 9  ? 4.377   1.879   5.732   1.00 32.89 ? 9   ARG A CD  1 
ATOM   64  N NE  . ARG A 1 9  ? 5.459   2.205   6.669   1.00 32.30 ? 9   ARG A NE  1 
ATOM   65  C CZ  . ARG A 1 9  ? 6.626   1.558   6.846   1.00 34.67 ? 9   ARG A CZ  1 
ATOM   66  N NH1 . ARG A 1 9  ? 6.937   0.424   6.208   1.00 36.28 ? 9   ARG A NH1 1 
ATOM   67  N NH2 . ARG A 1 9  ? 7.516   2.056   7.718   1.00 32.72 ? 9   ARG A NH2 1 
ATOM   68  N N   . VAL A 1 10 ? 0.863   1.470   2.352   1.00 30.03 ? 10  VAL A N   1 
ATOM   69  C CA  . VAL A 1 10 ? -0.259  1.071   1.503   1.00 31.36 ? 10  VAL A CA  1 
ATOM   70  C C   . VAL A 1 10 ? -0.646  -0.355  1.906   1.00 32.30 ? 10  VAL A C   1 
ATOM   71  O O   . VAL A 1 10 ? 0.201   -1.215  1.918   1.00 31.57 ? 10  VAL A O   1 
ATOM   72  C CB  . VAL A 1 10 ? 0.104   1.138   -0.062  1.00 32.02 ? 10  VAL A CB  1 
ATOM   73  C CG1 . VAL A 1 10 ? -0.946  0.475   -0.965  1.00 30.77 ? 10  VAL A CG1 1 
ATOM   74  C CG2 . VAL A 1 10 ? 0.466   2.649   -0.542  1.00 33.04 ? 10  VAL A CG2 1 
ATOM   75  N N   . VAL A 1 11 ? -1.933  -0.613  2.131   1.00 32.61 ? 11  VAL A N   1 
ATOM   76  C CA  . VAL A 1 11 ? -2.429  -1.982  2.323   1.00 33.09 ? 11  VAL A CA  1 
ATOM   77  C C   . VAL A 1 11 ? -3.003  -2.550  1.021   1.00 33.32 ? 11  VAL A C   1 
ATOM   78  O O   . VAL A 1 11 ? -3.875  -1.987  0.387   1.00 33.25 ? 11  VAL A O   1 
ATOM   79  C CB  . VAL A 1 11 ? -3.502  -2.019  3.454   1.00 32.76 ? 11  VAL A CB  1 
ATOM   80  C CG1 . VAL A 1 11 ? -3.927  -3.441  3.815   1.00 34.30 ? 11  VAL A CG1 1 
ATOM   81  C CG2 . VAL A 1 11 ? -2.998  -1.230  4.686   1.00 31.94 ? 11  VAL A CG2 1 
ATOM   82  N N   . VAL A 1 12 ? -2.502  -3.719  0.682   1.00 34.80 ? 12  VAL A N   1 
ATOM   83  C CA  . VAL A 1 12 ? -2.775  -4.439  -0.549  1.00 37.42 ? 12  VAL A CA  1 
ATOM   84  C C   . VAL A 1 12 ? -3.355  -5.843  -0.241  1.00 39.13 ? 12  VAL A C   1 
ATOM   85  O O   . VAL A 1 12 ? -2.922  -6.524  0.667   1.00 39.06 ? 12  VAL A O   1 
ATOM   86  C CB  . VAL A 1 12 ? -1.448  -4.579  -1.335  1.00 36.76 ? 12  VAL A CB  1 
ATOM   87  C CG1 . VAL A 1 12 ? -1.542  -5.524  -2.457  1.00 38.64 ? 12  VAL A CG1 1 
ATOM   88  C CG2 . VAL A 1 12 ? -1.056  -3.230  -1.921  1.00 37.01 ? 12  VAL A CG2 1 
ATOM   89  N N   . LYS A 1 13 ? -4.333  -6.257  -0.999  1.00 41.30 ? 13  LYS A N   1 
ATOM   90  C CA  . LYS A 1 13 ? -4.895  -7.561  -0.836  1.00 43.84 ? 13  LYS A CA  1 
ATOM   91  C C   . LYS A 1 13 ? -4.340  -8.359  -1.986  1.00 44.23 ? 13  LYS A C   1 
ATOM   92  O O   . LYS A 1 13 ? -4.518  -8.016  -3.140  1.00 43.08 ? 13  LYS A O   1 
ATOM   93  C CB  . LYS A 1 13 ? -6.436  -7.473  -0.924  1.00 45.42 ? 13  LYS A CB  1 
ATOM   94  C CG  . LYS A 1 13 ? -7.159  -8.825  -0.986  1.00 49.11 ? 13  LYS A CG  1 
ATOM   95  C CD  . LYS A 1 13 ? -8.689  -8.727  -0.658  1.00 54.27 ? 13  LYS A CD  1 
ATOM   96  C CE  . LYS A 1 13 ? -9.308  -10.158 -0.608  1.00 58.25 ? 13  LYS A CE  1 
ATOM   97  N NZ  . LYS A 1 13 ? -8.201  -11.220 -0.478  1.00 60.28 ? 13  LYS A NZ  1 
ATOM   98  N N   . PRO A 1 14 ? -3.635  -9.437  -1.691  1.00 47.57 ? 14  PRO A N   1 
ATOM   99  C CA  . PRO A 1 14 ? -3.086  -10.156 -2.849  1.00 48.94 ? 14  PRO A CA  1 
ATOM   100 C C   . PRO A 1 14 ? -4.176  -10.841 -3.682  1.00 51.15 ? 14  PRO A C   1 
ATOM   101 O O   . PRO A 1 14 ? -5.232  -11.216 -3.159  1.00 51.70 ? 14  PRO A O   1 
ATOM   102 C CB  . PRO A 1 14 ? -2.120  -11.151 -2.216  1.00 49.33 ? 14  PRO A CB  1 
ATOM   103 C CG  . PRO A 1 14 ? -1.892  -10.621 -0.754  1.00 48.30 ? 14  PRO A CG  1 
ATOM   104 C CD  . PRO A 1 14 ? -3.187  -9.987  -0.394  1.00 47.63 ? 14  PRO A CD  1 
ATOM   105 N N   . ILE A 1 15 ? -3.958  -10.946 -4.980  1.00 52.78 ? 15  ILE A N   1 
ATOM   106 C CA  . ILE A 1 15 ? -5.012  -11.398 -5.844  1.00 54.75 ? 15  ILE A CA  1 
ATOM   107 C C   . ILE A 1 15 ? -4.418  -11.892 -7.150  1.00 55.56 ? 15  ILE A C   1 
ATOM   108 O O   . ILE A 1 15 ? -3.325  -12.496 -7.123  1.00 57.96 ? 15  ILE A O   1 
ATOM   109 C CB  . ILE A 1 15 ? -6.092  -10.291 -6.043  1.00 54.94 ? 15  ILE A CB  1 
ATOM   110 C CG1 . ILE A 1 15 ? -5.579  -9.127  -6.874  1.00 55.67 ? 15  ILE A CG1 1 
ATOM   111 C CG2 . ILE A 1 15 ? -6.655  -9.793  -4.668  1.00 56.30 ? 15  ILE A CG2 1 
ATOM   112 C CD1 . ILE A 1 15 ? -5.360  -9.428  -8.273  1.00 56.08 ? 15  ILE A CD1 1 
ATOM   113 N N   . SER A 1 35 ? 7.699   -11.277 -7.428  1.00 60.82 ? 35  SER A N   1 
ATOM   114 C CA  . SER A 1 35 ? 6.681   -10.257 -7.641  1.00 60.20 ? 35  SER A CA  1 
ATOM   115 C C   . SER A 1 35 ? 5.291   -10.922 -7.740  1.00 58.75 ? 35  SER A C   1 
ATOM   116 O O   . SER A 1 35 ? 5.163   -12.040 -8.287  1.00 59.94 ? 35  SER A O   1 
ATOM   117 C CB  . SER A 1 35 ? 7.015   -9.421  -8.893  1.00 60.36 ? 35  SER A CB  1 
ATOM   118 O OG  . SER A 1 35 ? 6.965   -10.220 -10.071 1.00 61.87 ? 35  SER A OG  1 
ATOM   119 N N   . THR A 1 36 ? 4.279   -10.240 -7.183  1.00 55.79 ? 36  THR A N   1 
ATOM   120 C CA  . THR A 1 36 ? 2.877   -10.695 -7.088  1.00 52.25 ? 36  THR A CA  1 
ATOM   121 C C   . THR A 1 36 ? 1.958   -9.513  -7.410  1.00 49.35 ? 36  THR A C   1 
ATOM   122 O O   . THR A 1 36 ? 2.381   -8.378  -7.292  1.00 46.57 ? 36  THR A O   1 
ATOM   123 C CB  . THR A 1 36 ? 2.590   -11.296 -5.663  1.00 52.61 ? 36  THR A CB  1 
ATOM   124 O OG1 . THR A 1 36 ? 2.906   -10.368 -4.658  1.00 53.65 ? 36  THR A OG1 1 
ATOM   125 C CG2 . THR A 1 36 ? 3.522   -12.437 -5.357  1.00 52.99 ? 36  THR A CG2 1 
ATOM   126 N N   . LYS A 1 37 ? 0.739   -9.782  -7.883  1.00 47.42 ? 37  LYS A N   1 
ATOM   127 C CA  . LYS A 1 37 ? -0.297  -8.757  -8.098  1.00 46.26 ? 37  LYS A CA  1 
ATOM   128 C C   . LYS A 1 37 ? -1.234  -8.661  -6.919  1.00 44.77 ? 37  LYS A C   1 
ATOM   129 O O   . LYS A 1 37 ? -1.334  -9.575  -6.110  1.00 45.05 ? 37  LYS A O   1 
ATOM   130 C CB  . LYS A 1 37 ? -1.215  -9.033  -9.299  1.00 47.33 ? 37  LYS A CB  1 
ATOM   131 C CG  . LYS A 1 37 ? -0.633  -9.715  -10.525 1.00 50.02 ? 37  LYS A CG  1 
ATOM   132 C CD  . LYS A 1 37 ? -1.760  -9.934  -11.612 1.00 54.32 ? 37  LYS A CD  1 
ATOM   133 C CE  . LYS A 1 37 ? -1.496  -11.161 -12.596 1.00 58.43 ? 37  LYS A CE  1 
ATOM   134 N NZ  . LYS A 1 37 ? -2.262  -11.152 -13.950 1.00 59.33 ? 37  LYS A NZ  1 
ATOM   135 N N   . GLY A 1 38 ? -1.975  -7.563  -6.833  1.00 42.33 ? 38  GLY A N   1 
ATOM   136 C CA  . GLY A 1 38 ? -2.761  -7.306  -5.631  1.00 41.42 ? 38  GLY A CA  1 
ATOM   137 C C   . GLY A 1 38 ? -3.586  -6.058  -5.834  1.00 39.06 ? 38  GLY A C   1 
ATOM   138 O O   . GLY A 1 38 ? -3.360  -5.322  -6.788  1.00 37.54 ? 38  GLY A O   1 
ATOM   139 N N   . GLU A 1 39 ? -4.569  -5.822  -4.992  1.00 38.67 ? 39  GLU A N   1 
ATOM   140 C CA  . GLU A 1 39 ? -5.327  -4.584  -5.100  1.00 39.02 ? 39  GLU A CA  1 
ATOM   141 C C   . GLU A 1 39 ? -5.120  -3.700  -3.949  1.00 37.90 ? 39  GLU A C   1 
ATOM   142 O O   . GLU A 1 39 ? -5.024  -4.199  -2.867  1.00 37.87 ? 39  GLU A O   1 
ATOM   143 C CB  . GLU A 1 39 ? -6.828  -4.936  -5.162  1.00 41.33 ? 39  GLU A CB  1 
ATOM   144 C CG  . GLU A 1 39 ? -7.761  -3.713  -5.207  1.00 43.61 ? 39  GLU A CG  1 
ATOM   145 C CD  . GLU A 1 39 ? -9.190  -4.108  -5.583  1.00 51.80 ? 39  GLU A CD  1 
ATOM   146 O OE1 . GLU A 1 39 ? -9.355  -4.967  -6.489  1.00 58.85 ? 39  GLU A OE1 1 
ATOM   147 O OE2 . GLU A 1 39 ? -10.136 -3.587  -4.971  1.00 56.39 ? 39  GLU A OE2 1 
ATOM   148 N N   . VAL A 1 40 ? -5.180  -2.383  -4.143  1.00 38.30 ? 40  VAL A N   1 
ATOM   149 C CA  . VAL A 1 40 ? -5.055  -1.459  -3.019  1.00 37.87 ? 40  VAL A CA  1 
ATOM   150 C C   . VAL A 1 40 ? -6.386  -1.270  -2.308  1.00 37.40 ? 40  VAL A C   1 
ATOM   151 O O   . VAL A 1 40 ? -7.405  -0.916  -2.891  1.00 36.16 ? 40  VAL A O   1 
ATOM   152 C CB  . VAL A 1 40 ? -4.511  -0.096  -3.371  1.00 38.15 ? 40  VAL A CB  1 
ATOM   153 C CG1 . VAL A 1 40 ? -4.475  0.807   -2.100  1.00 36.95 ? 40  VAL A CG1 1 
ATOM   154 C CG2 . VAL A 1 40 ? -3.138  -0.267  -4.014  1.00 35.62 ? 40  VAL A CG2 1 
ATOM   155 N N   . VAL A 1 41 ? -6.293  -1.553  -1.022  1.00 37.54 ? 41  VAL A N   1 
ATOM   156 C CA  . VAL A 1 41 ? -7.381  -1.666  -0.124  1.00 38.41 ? 41  VAL A CA  1 
ATOM   157 C C   . VAL A 1 41 ? -7.398  -0.497  0.821   1.00 38.01 ? 41  VAL A C   1 
ATOM   158 O O   . VAL A 1 41 ? -8.487  -0.080  1.193   1.00 38.96 ? 41  VAL A O   1 
ATOM   159 C CB  . VAL A 1 41 ? -7.243  -3.055  0.547   1.00 39.51 ? 41  VAL A CB  1 
ATOM   160 C CG1 . VAL A 1 41 ? -7.725  -3.060  1.896   1.00 43.03 ? 41  VAL A CG1 1 
ATOM   161 C CG2 . VAL A 1 41 ? -7.945  -4.086  -0.335  1.00 37.87 ? 41  VAL A CG2 1 
ATOM   162 N N   . ALA A 1 42 ? -6.214  0.074   1.187   1.00 37.30 ? 42  ALA A N   1 
ATOM   163 C CA  . ALA A 1 42 ? -6.123  1.345   2.010   1.00 35.41 ? 42  ALA A CA  1 
ATOM   164 C C   . ALA A 1 42 ? -4.823  2.088   1.756   1.00 34.78 ? 42  ALA A C   1 
ATOM   165 O O   . ALA A 1 42 ? -3.836  1.497   1.408   1.00 34.45 ? 42  ALA A O   1 
ATOM   166 C CB  . ALA A 1 42 ? -6.233  1.074   3.515   1.00 35.03 ? 42  ALA A CB  1 
ATOM   167 N N   . ILE A 1 43 ? -4.848  3.394   1.942   1.00 34.53 ? 43  ILE A N   1 
ATOM   168 C CA  . ILE A 1 43 ? -3.693  4.223   1.700   1.00 36.23 ? 43  ILE A CA  1 
ATOM   169 C C   . ILE A 1 43 ? -3.475  5.177   2.847   1.00 38.18 ? 43  ILE A C   1 
ATOM   170 O O   . ILE A 1 43 ? -4.435  5.577   3.524   1.00 38.22 ? 43  ILE A O   1 
ATOM   171 C CB  . ILE A 1 43 ? -3.770  5.001   0.348   1.00 36.19 ? 43  ILE A CB  1 
ATOM   172 C CG1 . ILE A 1 43 ? -5.034  5.773   0.231   1.00 36.05 ? 43  ILE A CG1 1 
ATOM   173 C CG2 . ILE A 1 43 ? -3.708  4.056   -0.860  1.00 34.13 ? 43  ILE A CG2 1 
ATOM   174 C CD1 . ILE A 1 43 ? -4.825  7.111   -0.478  1.00 38.91 ? 43  ILE A CD1 1 
ATOM   175 N N   . GLY A 1 44 ? -2.196  5.470   3.120   1.00 39.90 ? 44  GLY A N   1 
ATOM   176 C CA  . GLY A 1 44 ? -1.848  6.461   4.098   1.00 40.72 ? 44  GLY A CA  1 
ATOM   177 C C   . GLY A 1 44 ? -2.174  7.859   3.654   1.00 40.93 ? 44  GLY A C   1 
ATOM   178 O O   . GLY A 1 44 ? -2.265  8.108   2.468   1.00 41.57 ? 44  GLY A O   1 
ATOM   179 N N   . ALA A 1 45 ? -2.340  8.752   4.624   1.00 41.44 ? 45  ALA A N   1 
ATOM   180 C CA  . ALA A 1 45 ? -2.464  10.199  4.433   1.00 42.22 ? 45  ALA A CA  1 
ATOM   181 C C   . ALA A 1 45 ? -1.322  10.826  3.664   1.00 44.29 ? 45  ALA A C   1 
ATOM   182 O O   . ALA A 1 45 ? -1.490  11.882  3.061   1.00 45.22 ? 45  ALA A O   1 
ATOM   183 C CB  . ALA A 1 45 ? -2.525  10.885  5.780   1.00 42.40 ? 45  ALA A CB  1 
ATOM   184 N N   . GLY A 1 46 ? -0.127  10.279  3.754   1.00 44.47 ? 46  GLY A N   1 
ATOM   185 C CA  . GLY A 1 46 ? 0.957   10.828  2.963   1.00 46.04 ? 46  GLY A CA  1 
ATOM   186 C C   . GLY A 1 46 ? 2.198   11.058  3.802   1.00 47.18 ? 46  GLY A C   1 
ATOM   187 O O   . GLY A 1 46 ? 2.114   11.429  4.991   1.00 47.31 ? 46  GLY A O   1 
ATOM   188 N N   . LYS A 1 47 ? 3.358   10.803  3.211   1.00 48.80 ? 47  LYS A N   1 
ATOM   189 C CA  . LYS A 1 47 ? 4.556   11.032  3.991   1.00 50.99 ? 47  LYS A CA  1 
ATOM   190 C C   . LYS A 1 47 ? 4.699   12.518  4.297   1.00 51.32 ? 47  LYS A C   1 
ATOM   191 O O   . LYS A 1 47 ? 4.615   13.324  3.366   1.00 50.55 ? 47  LYS A O   1 
ATOM   192 C CB  . LYS A 1 47 ? 5.841   10.547  3.307   1.00 51.78 ? 47  LYS A CB  1 
ATOM   193 C CG  . LYS A 1 47 ? 6.988   10.625  4.383   1.00 53.61 ? 47  LYS A CG  1 
ATOM   194 C CD  . LYS A 1 47 ? 8.096   9.583   4.270   1.00 56.50 ? 47  LYS A CD  1 
ATOM   195 C CE  . LYS A 1 47 ? 9.322   10.076  5.128   1.00 57.26 ? 47  LYS A CE  1 
ATOM   196 N NZ  . LYS A 1 47 ? 10.438  9.087   5.105   1.00 60.40 ? 47  LYS A NZ  1 
ATOM   197 N N   . PRO A 1 48 ? 4.925   12.877  5.576   1.00 53.14 ? 48  PRO A N   1 
ATOM   198 C CA  . PRO A 1 48 ? 5.134   14.274  5.927   1.00 54.31 ? 48  PRO A CA  1 
ATOM   199 C C   . PRO A 1 48 ? 6.412   14.815  5.314   1.00 56.42 ? 48  PRO A C   1 
ATOM   200 O O   . PRO A 1 48 ? 7.421   14.086  5.223   1.00 56.26 ? 48  PRO A O   1 
ATOM   201 C CB  . PRO A 1 48 ? 5.318   14.215  7.422   1.00 53.95 ? 48  PRO A CB  1 
ATOM   202 C CG  . PRO A 1 48 ? 4.506   13.097  7.829   1.00 53.10 ? 48  PRO A CG  1 
ATOM   203 C CD  . PRO A 1 48 ? 4.832   12.067  6.804   1.00 53.08 ? 48  PRO A CD  1 
ATOM   204 N N   . LEU A 1 49 ? 6.379   16.081  4.907   1.00 57.87 ? 49  LEU A N   1 
ATOM   205 C CA  . LEU A 1 49 ? 7.547   16.694  4.335   1.00 58.94 ? 49  LEU A CA  1 
ATOM   206 C C   . LEU A 1 49 ? 8.128   17.774  5.285   1.00 60.72 ? 49  LEU A C   1 
ATOM   207 O O   . LEU A 1 49 ? 7.435   18.406  6.120   1.00 60.14 ? 49  LEU A O   1 
ATOM   208 C CB  . LEU A 1 49 ? 7.218   17.207  2.928   1.00 59.08 ? 49  LEU A CB  1 
ATOM   209 C CG  . LEU A 1 49 ? 6.928   16.176  1.814   1.00 58.11 ? 49  LEU A CG  1 
ATOM   210 C CD1 . LEU A 1 49 ? 6.374   16.804  0.538   1.00 55.35 ? 49  LEU A CD1 1 
ATOM   211 C CD2 . LEU A 1 49 ? 8.196   15.388  1.498   1.00 57.40 ? 49  LEU A CD2 1 
ATOM   212 N N   . ASP A 1 50 ? 9.436   17.943  5.147   1.00 63.10 ? 50  ASP A N   1 
ATOM   213 C CA  . ASP A 1 50 ? 10.234  18.934  5.893   1.00 64.84 ? 50  ASP A CA  1 
ATOM   214 C C   . ASP A 1 50 ? 9.464   20.252  6.012   1.00 64.74 ? 50  ASP A C   1 
ATOM   215 O O   . ASP A 1 50 ? 9.246   20.835  7.079   1.00 64.17 ? 50  ASP A O   1 
ATOM   216 C CB  . ASP A 1 50 ? 11.561  19.234  5.116   1.00 66.06 ? 50  ASP A CB  1 
ATOM   217 C CG  . ASP A 1 50 ? 12.327  17.956  4.592   1.00 68.47 ? 50  ASP A CG  1 
ATOM   218 O OD1 . ASP A 1 50 ? 11.892  16.763  4.792   1.00 70.08 ? 50  ASP A OD1 1 
ATOM   219 O OD2 . ASP A 1 50 ? 13.394  18.204  3.950   1.00 70.08 ? 50  ASP A OD2 1 
ATOM   220 N N   . ASN A 1 51 ? 9.044   20.677  4.836   1.00 65.30 ? 51  ASN A N   1 
ATOM   221 C CA  . ASN A 1 51 ? 8.472   21.966  4.597   1.00 66.00 ? 51  ASN A CA  1 
ATOM   222 C C   . ASN A 1 51 ? 7.040   22.053  5.061   1.00 65.49 ? 51  ASN A C   1 
ATOM   223 O O   . ASN A 1 51 ? 6.301   22.955  4.635   1.00 66.83 ? 51  ASN A O   1 
ATOM   224 C CB  . ASN A 1 51 ? 8.521   22.217  3.094   1.00 66.65 ? 51  ASN A CB  1 
ATOM   225 C CG  . ASN A 1 51 ? 7.740   21.162  2.306   1.00 69.40 ? 51  ASN A CG  1 
ATOM   226 O OD1 . ASN A 1 51 ? 6.520   20.998  2.514   1.00 72.33 ? 51  ASN A OD1 1 
ATOM   227 N ND2 . ASN A 1 51 ? 8.442   20.422  1.411   1.00 71.65 ? 51  ASN A ND2 1 
ATOM   228 N N   . GLY A 1 52 ? 6.610   21.114  5.891   1.00 64.50 ? 52  GLY A N   1 
ATOM   229 C CA  . GLY A 1 52 ? 5.268   21.187  6.467   1.00 63.58 ? 52  GLY A CA  1 
ATOM   230 C C   . GLY A 1 52 ? 4.065   20.750  5.625   1.00 62.25 ? 52  GLY A C   1 
ATOM   231 O O   . GLY A 1 52 ? 2.944   21.211  5.862   1.00 60.95 ? 52  GLY A O   1 
ATOM   232 N N   . SER A 1 53 ? 4.284   19.873  4.648   1.00 60.58 ? 53  SER A N   1 
ATOM   233 C CA  . SER A 1 53 ? 3.172   19.320  3.849   1.00 59.31 ? 53  SER A CA  1 
ATOM   234 C C   . SER A 1 53 ? 3.267   17.813  3.840   1.00 57.29 ? 53  SER A C   1 
ATOM   235 O O   . SER A 1 53 ? 4.206   17.271  4.370   1.00 55.19 ? 53  SER A O   1 
ATOM   236 C CB  . SER A 1 53 ? 3.248   19.832  2.407   1.00 59.61 ? 53  SER A CB  1 
ATOM   237 O OG  . SER A 1 53 ? 4.567   19.665  1.910   1.00 60.61 ? 53  SER A OG  1 
ATOM   238 N N   . LEU A 1 54 ? 2.281   17.171  3.225   1.00 55.93 ? 54  LEU A N   1 
ATOM   239 C CA  . LEU A 1 54 ? 2.311   15.743  3.014   1.00 55.27 ? 54  LEU A CA  1 
ATOM   240 C C   . LEU A 1 54 ? 2.463   15.447  1.541   1.00 54.93 ? 54  LEU A C   1 
ATOM   241 O O   . LEU A 1 54 ? 1.752   15.969  0.686   1.00 53.65 ? 54  LEU A O   1 
ATOM   242 C CB  . LEU A 1 54 ? 1.033   15.067  3.506   1.00 55.71 ? 54  LEU A CB  1 
ATOM   243 C CG  . LEU A 1 54 ? 0.608   15.362  4.933   1.00 55.32 ? 54  LEU A CG  1 
ATOM   244 C CD1 . LEU A 1 54 ? -0.912  15.280  5.068   1.00 55.52 ? 54  LEU A CD1 1 
ATOM   245 C CD2 . LEU A 1 54 ? 1.379   14.457  5.860   1.00 53.87 ? 54  LEU A CD2 1 
ATOM   246 N N   . HIS A 1 55 ? 3.413   14.580  1.278   1.00 54.08 ? 55  HIS A N   1 
ATOM   247 C CA  . HIS A 1 55 ? 3.571   13.934  0.004   1.00 54.69 ? 55  HIS A CA  1 
ATOM   248 C C   . HIS A 1 55 ? 2.325   13.169  -0.351  1.00 52.29 ? 55  HIS A C   1 
ATOM   249 O O   . HIS A 1 55 ? 2.046   12.147  0.215   1.00 51.40 ? 55  HIS A O   1 
ATOM   250 C CB  . HIS A 1 55 ? 4.748   12.967  0.167   1.00 55.39 ? 55  HIS A CB  1 
ATOM   251 C CG  . HIS A 1 55 ? 5.405   12.569  -1.104  1.00 62.09 ? 55  HIS A CG  1 
ATOM   252 N ND1 . HIS A 1 55 ? 5.411   13.375  -2.225  1.00 68.82 ? 55  HIS A ND1 1 
ATOM   253 C CD2 . HIS A 1 55 ? 6.150   11.472  -1.412  1.00 69.12 ? 55  HIS A CD2 1 
ATOM   254 C CE1 . HIS A 1 55 ? 6.101   12.775  -3.184  1.00 74.48 ? 55  HIS A CE1 1 
ATOM   255 N NE2 . HIS A 1 55 ? 6.548   11.612  -2.722  1.00 73.24 ? 55  HIS A NE2 1 
ATOM   256 N N   . ALA A 1 56 ? 1.584   13.649  -1.319  1.00 51.62 ? 56  ALA A N   1 
ATOM   257 C CA  . ALA A 1 56 ? 0.344   12.950  -1.705  1.00 51.09 ? 56  ALA A CA  1 
ATOM   258 C C   . ALA A 1 56 ? 0.674   11.578  -2.314  1.00 48.76 ? 56  ALA A C   1 
ATOM   259 O O   . ALA A 1 56 ? 1.567   11.496  -3.130  1.00 49.07 ? 56  ALA A O   1 
ATOM   260 C CB  . ALA A 1 56 ? -0.455  13.805  -2.700  1.00 51.11 ? 56  ALA A CB  1 
ATOM   261 N N   . PRO A 1 57 ? -0.033  10.507  -1.913  1.00 47.70 ? 57  PRO A N   1 
ATOM   262 C CA  . PRO A 1 57 ? 0.129   9.162   -2.520  1.00 46.33 ? 57  PRO A CA  1 
ATOM   263 C C   . PRO A 1 57 ? -0.146  9.122   -3.998  1.00 44.85 ? 57  PRO A C   1 
ATOM   264 O O   . PRO A 1 57 ? -0.926  9.900   -4.511  1.00 45.17 ? 57  PRO A O   1 
ATOM   265 C CB  . PRO A 1 57 ? -0.898  8.301   -1.783  1.00 46.66 ? 57  PRO A CB  1 
ATOM   266 C CG  . PRO A 1 57 ? -1.058  8.988   -0.416  1.00 47.58 ? 57  PRO A CG  1 
ATOM   267 C CD  . PRO A 1 57 ? -0.854  10.455  -0.685  1.00 47.95 ? 57  PRO A CD  1 
ATOM   268 N N   . VAL A 1 58 ? 0.488   8.215   -4.706  1.00 43.37 ? 58  VAL A N   1 
ATOM   269 C CA  . VAL A 1 58 ? 0.298   8.143   -6.153  1.00 41.37 ? 58  VAL A CA  1 
ATOM   270 C C   . VAL A 1 58 ? -0.486  6.877   -6.464  1.00 40.64 ? 58  VAL A C   1 
ATOM   271 O O   . VAL A 1 58 ? -0.550  6.413   -7.591  1.00 41.52 ? 58  VAL A O   1 
ATOM   272 C CB  . VAL A 1 58 ? 1.692   8.210   -6.916  1.00 41.77 ? 58  VAL A CB  1 
ATOM   273 C CG1 . VAL A 1 58 ? 2.435   9.501   -6.576  1.00 40.48 ? 58  VAL A CG1 1 
ATOM   274 C CG2 . VAL A 1 58 ? 2.585   7.052   -6.598  1.00 39.51 ? 58  VAL A CG2 1 
ATOM   275 N N   . VAL A 1 59 ? -1.065  6.268   -5.446  1.00 38.76 ? 59  VAL A N   1 
ATOM   276 C CA  . VAL A 1 59 ? -2.017  5.197   -5.691  1.00 36.64 ? 59  VAL A CA  1 
ATOM   277 C C   . VAL A 1 59 ? -3.239  5.483   -4.898  1.00 35.84 ? 59  VAL A C   1 
ATOM   278 O O   . VAL A 1 59 ? -3.219  6.200   -3.923  1.00 36.36 ? 59  VAL A O   1 
ATOM   279 C CB  . VAL A 1 59 ? -1.496  3.852   -5.261  1.00 35.81 ? 59  VAL A CB  1 
ATOM   280 C CG1 . VAL A 1 59 ? -0.249  3.479   -6.088  1.00 35.81 ? 59  VAL A CG1 1 
ATOM   281 C CG2 . VAL A 1 59 ? -1.197  3.935   -3.733  1.00 33.28 ? 59  VAL A CG2 1 
ATOM   282 N N   . LYS A 1 60 ? -4.285  4.809   -5.309  1.00 37.34 ? 60  LYS A N   1 
ATOM   283 C CA  . LYS A 1 60 ? -5.619  4.973   -4.794  1.00 37.15 ? 60  LYS A CA  1 
ATOM   284 C C   . LYS A 1 60 ? -6.249  3.638   -4.510  1.00 36.38 ? 60  LYS A C   1 
ATOM   285 O O   . LYS A 1 60 ? -5.930  2.607   -5.083  1.00 33.38 ? 60  LYS A O   1 
ATOM   286 C CB  . LYS A 1 60 ? -6.428  5.774   -5.801  1.00 37.66 ? 60  LYS A CB  1 
ATOM   287 C CG  . LYS A 1 60 ? -6.669  5.163   -7.130  1.00 41.87 ? 60  LYS A CG  1 
ATOM   288 C CD  . LYS A 1 60 ? -7.463  6.191   -7.983  1.00 47.18 ? 60  LYS A CD  1 
ATOM   289 C CE  . LYS A 1 60 ? -7.355  5.877   -9.483  1.00 49.66 ? 60  LYS A CE  1 
ATOM   290 N NZ  . LYS A 1 60 ? -6.005  6.236   -10.023 1.00 53.57 ? 60  LYS A NZ  1 
ATOM   291 N N   . VAL A 1 61 ? -7.150  3.646   -3.574  1.00 36.36 ? 61  VAL A N   1 
ATOM   292 C CA  . VAL A 1 61 ? -7.938  2.477   -3.303  1.00 37.86 ? 61  VAL A CA  1 
ATOM   293 C C   . VAL A 1 61 ? -8.649  2.080   -4.576  1.00 38.34 ? 61  VAL A C   1 
ATOM   294 O O   . VAL A 1 61 ? -9.288  2.909   -5.237  1.00 39.68 ? 61  VAL A O   1 
ATOM   295 C CB  . VAL A 1 61 ? -8.886  2.740   -2.073  1.00 37.44 ? 61  VAL A CB  1 
ATOM   296 C CG1 . VAL A 1 61 ? -9.690  1.555   -1.729  1.00 37.98 ? 61  VAL A CG1 1 
ATOM   297 C CG2 . VAL A 1 61 ? -8.006  3.242   -0.878  1.00 39.36 ? 61  VAL A CG2 1 
ATOM   298 N N   . GLY A 1 62 ? -8.458  0.815   -4.906  1.00 38.30 ? 62  GLY A N   1 
ATOM   299 C CA  . GLY A 1 62 ? -9.031  0.152   -6.012  1.00 39.20 ? 62  GLY A CA  1 
ATOM   300 C C   . GLY A 1 62 ? -7.960  -0.231  -7.035  1.00 39.39 ? 62  GLY A C   1 
ATOM   301 O O   . GLY A 1 62 ? -8.228  -1.024  -7.924  1.00 39.17 ? 62  GLY A O   1 
ATOM   302 N N   . ASP A 1 63 ? -6.778  0.381   -6.948  1.00 37.98 ? 63  ASP A N   1 
ATOM   303 C CA  . ASP A 1 63 ? -5.759  0.201   -7.956  1.00 37.36 ? 63  ASP A CA  1 
ATOM   304 C C   . ASP A 1 63 ? -5.326  -1.195  -7.857  1.00 36.50 ? 63  ASP A C   1 
ATOM   305 O O   . ASP A 1 63 ? -5.215  -1.682  -6.782  1.00 34.08 ? 63  ASP A O   1 
ATOM   306 C CB  . ASP A 1 63 ? -4.537  1.103   -7.696  1.00 36.33 ? 63  ASP A CB  1 
ATOM   307 C CG  . ASP A 1 63 ? -4.716  2.458   -8.276  1.00 38.16 ? 63  ASP A CG  1 
ATOM   308 O OD1 . ASP A 1 63 ? -5.726  2.668   -8.995  1.00 39.30 ? 63  ASP A OD1 1 
ATOM   309 O OD2 . ASP A 1 63 ? -3.868  3.314   -8.006  1.00 36.68 ? 63  ASP A OD2 1 
ATOM   310 N N   . LYS A 1 64 ? -5.154  -1.854  -8.992  1.00 37.53 ? 64  LYS A N   1 
ATOM   311 C CA  . LYS A 1 64 ? -4.424  -3.125  -9.054  1.00 38.02 ? 64  LYS A CA  1 
ATOM   312 C C   . LYS A 1 64 ? -2.938  -2.755  -9.272  1.00 37.69 ? 64  LYS A C   1 
ATOM   313 O O   . LYS A 1 64 ? -2.638  -1.840  -10.054 1.00 37.49 ? 64  LYS A O   1 
ATOM   314 C CB  . LYS A 1 64 ? -4.957  -4.001  -10.186 1.00 39.26 ? 64  LYS A CB  1 
ATOM   315 C CG  . LYS A 1 64 ? -6.445  -4.417  -9.996  1.00 44.43 ? 64  LYS A CG  1 
ATOM   316 C CD  . LYS A 1 64 ? -6.976  -5.061  -11.302 1.00 54.07 ? 64  LYS A CD  1 
ATOM   317 C CE  . LYS A 1 64 ? -7.182  -4.052  -12.575 1.00 60.04 ? 64  LYS A CE  1 
ATOM   318 N NZ  . LYS A 1 64 ? -7.393  -4.736  -13.986 1.00 62.60 ? 64  LYS A NZ  1 
ATOM   319 N N   . VAL A 1 65 ? -2.044  -3.464  -8.565  1.00 37.41 ? 65  VAL A N   1 
ATOM   320 C CA  . VAL A 1 65 ? -0.638  -3.106  -8.434  1.00 36.66 ? 65  VAL A CA  1 
ATOM   321 C C   . VAL A 1 65 ? 0.212   -4.337  -8.497  1.00 37.40 ? 65  VAL A C   1 
ATOM   322 O O   . VAL A 1 65 ? -0.248  -5.417  -8.261  1.00 38.57 ? 65  VAL A O   1 
ATOM   323 C CB  . VAL A 1 65 ? -0.336  -2.358  -7.081  1.00 35.99 ? 65  VAL A CB  1 
ATOM   324 C CG1 . VAL A 1 65 ? -0.875  -0.925  -7.098  1.00 36.68 ? 65  VAL A CG1 1 
ATOM   325 C CG2 . VAL A 1 65 ? -0.839  -3.155  -5.841  1.00 35.83 ? 65  VAL A CG2 1 
ATOM   326 N N   . ILE A 1 66 ? 1.474   -4.173  -8.856  1.00 38.28 ? 66  ILE A N   1 
ATOM   327 C CA  . ILE A 1 66 ? 2.436   -5.228  -8.722  1.00 39.21 ? 66  ILE A CA  1 
ATOM   328 C C   . ILE A 1 66 ? 3.514   -4.761  -7.730  1.00 39.80 ? 66  ILE A C   1 
ATOM   329 O O   . ILE A 1 66 ? 3.887   -3.575  -7.643  1.00 36.95 ? 66  ILE A O   1 
ATOM   330 C CB  . ILE A 1 66 ? 2.998   -5.682  -10.088 1.00 39.17 ? 66  ILE A CB  1 
ATOM   331 C CG1 . ILE A 1 66 ? 3.505   -4.490  -10.905 1.00 41.84 ? 66  ILE A CG1 1 
ATOM   332 C CG2 . ILE A 1 66 ? 1.882   -6.271  -10.900 1.00 39.89 ? 66  ILE A CG2 1 
ATOM   333 C CD1 . ILE A 1 66 ? 4.020   -4.775  -12.289 1.00 42.85 ? 66  ILE A CD1 1 
ATOM   334 N N   . TYR A 1 67 ? 3.967   -5.733  -6.970  1.00 41.41 ? 67  TYR A N   1 
ATOM   335 C CA  . TYR A 1 67 ? 4.935   -5.533  -5.911  1.00 44.56 ? 67  TYR A CA  1 
ATOM   336 C C   . TYR A 1 67 ? 5.772   -6.783  -5.769  1.00 46.34 ? 67  TYR A C   1 
ATOM   337 O O   . TYR A 1 67 ? 5.448   -7.807  -6.306  1.00 45.49 ? 67  TYR A O   1 
ATOM   338 C CB  . TYR A 1 67 ? 4.248   -5.213  -4.559  1.00 44.81 ? 67  TYR A CB  1 
ATOM   339 C CG  . TYR A 1 67 ? 3.092   -6.161  -4.126  1.00 47.76 ? 67  TYR A CG  1 
ATOM   340 C CD1 . TYR A 1 67 ? 1.797   -5.915  -4.522  1.00 47.77 ? 67  TYR A CD1 1 
ATOM   341 C CD2 . TYR A 1 67 ? 3.319   -7.276  -3.278  1.00 50.42 ? 67  TYR A CD2 1 
ATOM   342 C CE1 . TYR A 1 67 ? 0.751   -6.721  -4.133  1.00 49.60 ? 67  TYR A CE1 1 
ATOM   343 C CE2 . TYR A 1 67 ? 2.267   -8.114  -2.898  1.00 51.69 ? 67  TYR A CE2 1 
ATOM   344 C CZ  . TYR A 1 67 ? 0.978   -7.811  -3.338  1.00 53.10 ? 67  TYR A CZ  1 
ATOM   345 O OH  . TYR A 1 67 ? -0.106  -8.579  -2.989  1.00 57.49 ? 67  TYR A OH  1 
ATOM   346 N N   . GLY A 1 68 ? 6.850   -6.678  -5.019  1.00 49.70 ? 68  GLY A N   1 
ATOM   347 C CA  . GLY A 1 68 ? 7.743   -7.804  -4.811  1.00 52.08 ? 68  GLY A CA  1 
ATOM   348 C C   . GLY A 1 68 ? 7.085   -8.812  -3.901  1.00 54.61 ? 68  GLY A C   1 
ATOM   349 O O   . GLY A 1 68 ? 6.458   -8.451  -2.888  1.00 53.41 ? 68  GLY A O   1 
ATOM   350 N N   . GLN A 1 69 ? 7.219   -10.086 -4.248  1.00 57.66 ? 69  GLN A N   1 
ATOM   351 C CA  . GLN A 1 69 ? 6.468   -11.068 -3.552  1.00 60.70 ? 69  GLN A CA  1 
ATOM   352 C C   . GLN A 1 69 ? 6.677   -10.949 -2.049  1.00 61.06 ? 69  GLN A C   1 
ATOM   353 O O   . GLN A 1 69 ? 5.744   -11.143 -1.285  1.00 61.64 ? 69  GLN A O   1 
ATOM   354 C CB  . GLN A 1 69 ? 6.800   -12.483 -4.046  1.00 62.91 ? 69  GLN A CB  1 
ATOM   355 C CG  . GLN A 1 69 ? 6.070   -13.641 -3.242  1.00 67.10 ? 69  GLN A CG  1 
ATOM   356 C CD  . GLN A 1 69 ? 4.524   -13.435 -3.051  1.00 72.11 ? 69  GLN A CD  1 
ATOM   357 O OE1 . GLN A 1 69 ? 4.024   -12.294 -2.961  1.00 75.60 ? 69  GLN A OE1 1 
ATOM   358 N NE2 . GLN A 1 69 ? 3.777   -14.559 -2.987  1.00 75.11 ? 69  GLN A NE2 1 
ATOM   359 N N   . TYR A 1 70 ? 7.889   -10.602 -1.631  1.00 61.99 ? 70  TYR A N   1 
ATOM   360 C CA  . TYR A 1 70 ? 8.236   -10.484 -0.187  1.00 62.50 ? 70  TYR A CA  1 
ATOM   361 C C   . TYR A 1 70 ? 8.586   -9.056  0.333   1.00 60.76 ? 70  TYR A C   1 
ATOM   362 O O   . TYR A 1 70 ? 9.344   -8.917  1.329   1.00 61.05 ? 70  TYR A O   1 
ATOM   363 C CB  . TYR A 1 70 ? 9.400   -11.441 0.123   1.00 64.15 ? 70  TYR A CB  1 
ATOM   364 C CG  . TYR A 1 70 ? 9.167   -12.828 -0.408  1.00 68.29 ? 70  TYR A CG  1 
ATOM   365 C CD1 . TYR A 1 70 ? 8.039   -13.569 -0.006  1.00 73.29 ? 70  TYR A CD1 1 
ATOM   366 C CD2 . TYR A 1 70 ? 10.058  -13.392 -1.313  1.00 72.91 ? 70  TYR A CD2 1 
ATOM   367 C CE1 . TYR A 1 70 ? 7.809   -14.831 -0.514  1.00 76.21 ? 70  TYR A CE1 1 
ATOM   368 C CE2 . TYR A 1 70 ? 9.847   -14.651 -1.819  1.00 76.14 ? 70  TYR A CE2 1 
ATOM   369 C CZ  . TYR A 1 70 ? 8.732   -15.370 -1.432  1.00 78.13 ? 70  TYR A CZ  1 
ATOM   370 O OH  . TYR A 1 70 ? 8.576   -16.639 -1.979  1.00 83.60 ? 70  TYR A OH  1 
ATOM   371 N N   . ALA A 1 71 ? 8.015   -8.041  -0.336  1.00 57.84 ? 71  ALA A N   1 
ATOM   372 C CA  . ALA A 1 71 ? 7.986   -6.645  0.100   1.00 55.85 ? 71  ALA A CA  1 
ATOM   373 C C   . ALA A 1 71 ? 7.047   -6.460  1.294   1.00 53.99 ? 71  ALA A C   1 
ATOM   374 O O   . ALA A 1 71 ? 5.976   -7.049  1.351   1.00 53.09 ? 71  ALA A O   1 
ATOM   375 C CB  . ALA A 1 71 ? 7.516   -5.758  -1.081  1.00 55.20 ? 71  ALA A CB  1 
ATOM   376 N N   . GLY A 1 72 ? 7.440   -5.630  2.243   1.00 53.06 ? 72  GLY A N   1 
ATOM   377 C CA  . GLY A 1 72 ? 6.525   -5.214  3.320   1.00 53.73 ? 72  GLY A CA  1 
ATOM   378 C C   . GLY A 1 72 ? 6.102   -6.305  4.329   1.00 53.95 ? 72  GLY A C   1 
ATOM   379 O O   . GLY A 1 72 ? 6.698   -7.383  4.375   1.00 55.11 ? 72  GLY A O   1 
ATOM   380 N N   . SER A 1 73 ? 5.089   -6.047  5.143   1.00 53.34 ? 73  SER A N   1 
ATOM   381 C CA  . SER A 1 73 ? 4.749   -6.967  6.196   1.00 53.43 ? 73  SER A CA  1 
ATOM   382 C C   . SER A 1 73 ? 3.382   -7.502  5.944   1.00 55.26 ? 73  SER A C   1 
ATOM   383 O O   . SER A 1 73 ? 2.515   -6.780  5.438   1.00 54.31 ? 73  SER A O   1 
ATOM   384 C CB  . SER A 1 73 ? 4.691   -6.238  7.497   1.00 53.32 ? 73  SER A CB  1 
ATOM   385 O OG  . SER A 1 73 ? 5.915   -5.664  7.765   1.00 52.06 ? 73  SER A OG  1 
ATOM   386 N N   . SER A 1 74 ? 3.162   -8.751  6.337   1.00 57.02 ? 74  SER A N   1 
ATOM   387 C CA  . SER A 1 74 ? 1.829   -9.346  6.245   1.00 58.17 ? 74  SER A CA  1 
ATOM   388 C C   . SER A 1 74 ? 1.072   -8.998  7.478   1.00 58.66 ? 74  SER A C   1 
ATOM   389 O O   . SER A 1 74 ? 1.669   -8.688  8.498   1.00 58.80 ? 74  SER A O   1 
ATOM   390 C CB  . SER A 1 74 ? 1.900   -10.855 6.116   1.00 58.77 ? 74  SER A CB  1 
ATOM   391 O OG  . SER A 1 74 ? 2.467   -11.193 4.832   1.00 61.87 ? 74  SER A OG  1 
ATOM   392 N N   . TYR A 1 75 ? -0.248  -8.986  7.377   1.00 59.19 ? 75  TYR A N   1 
ATOM   393 C CA  . TYR A 1 75 ? -1.076  -8.979  8.556   1.00 59.80 ? 75  TYR A CA  1 
ATOM   394 C C   . TYR A 1 75 ? -2.438  -9.469  8.150   1.00 59.08 ? 75  TYR A C   1 
ATOM   395 O O   . TYR A 1 75 ? -3.017  -8.986  7.156   1.00 58.37 ? 75  TYR A O   1 
ATOM   396 C CB  . TYR A 1 75 ? -1.148  -7.579  9.151   1.00 60.30 ? 75  TYR A CB  1 
ATOM   397 C CG  . TYR A 1 75 ? -2.265  -6.777  8.570   1.00 64.73 ? 75  TYR A CG  1 
ATOM   398 C CD1 . TYR A 1 75 ? -3.439  -6.534  9.312   1.00 69.70 ? 75  TYR A CD1 1 
ATOM   399 C CD2 . TYR A 1 75 ? -2.182  -6.281  7.275   1.00 66.01 ? 75  TYR A CD2 1 
ATOM   400 C CE1 . TYR A 1 75 ? -4.512  -5.799  8.765   1.00 70.74 ? 75  TYR A CE1 1 
ATOM   401 C CE2 . TYR A 1 75 ? -3.221  -5.560  6.727   1.00 68.43 ? 75  TYR A CE2 1 
ATOM   402 C CZ  . TYR A 1 75 ? -4.392  -5.315  7.466   1.00 70.73 ? 75  TYR A CZ  1 
ATOM   403 O OH  . TYR A 1 75 ? -5.426  -4.583  6.902   1.00 71.94 ? 75  TYR A OH  1 
ATOM   404 N N   . LYS A 1 76 ? -2.951  -10.424 8.929   1.00 58.55 ? 76  LYS A N   1 
ATOM   405 C CA  . LYS A 1 76 ? -4.234  -11.092 8.619   1.00 57.74 ? 76  LYS A CA  1 
ATOM   406 C C   . LYS A 1 76 ? -5.402  -10.525 9.368   1.00 55.63 ? 76  LYS A C   1 
ATOM   407 O O   . LYS A 1 76 ? -5.257  -10.041 10.476  1.00 55.49 ? 76  LYS A O   1 
ATOM   408 C CB  . LYS A 1 76 ? -4.136  -12.584 8.863   1.00 57.94 ? 76  LYS A CB  1 
ATOM   409 C CG  . LYS A 1 76 ? -3.242  -13.261 7.835   1.00 62.27 ? 76  LYS A CG  1 
ATOM   410 C CD  . LYS A 1 76 ? -2.556  -14.503 8.376   1.00 67.34 ? 76  LYS A CD  1 
ATOM   411 C CE  . LYS A 1 76 ? -3.539  -15.683 8.536   1.00 71.32 ? 76  LYS A CE  1 
ATOM   412 N NZ  . LYS A 1 76 ? -2.765  -17.001 8.775   1.00 75.17 ? 76  LYS A NZ  1 
ATOM   413 N N   . SER A 1 77 ? -6.571  -10.592 8.767   1.00 54.13 ? 77  SER A N   1 
ATOM   414 C CA  . SER A 1 77 ? -7.729  -9.999  9.380   1.00 53.68 ? 77  SER A CA  1 
ATOM   415 C C   . SER A 1 77 ? -8.976  -10.644 8.864   1.00 52.91 ? 77  SER A C   1 
ATOM   416 O O   . SER A 1 77 ? -9.254  -10.551 7.679   1.00 53.29 ? 77  SER A O   1 
ATOM   417 C CB  . SER A 1 77 ? -7.783  -8.500  9.119   1.00 53.89 ? 77  SER A CB  1 
ATOM   418 O OG  . SER A 1 77 ? -8.990  -7.966  9.643   1.00 53.52 ? 77  SER A OG  1 
ATOM   419 N N   . GLU A 1 78 ? -9.735  -11.258 9.776   1.00 51.96 ? 78  GLU A N   1 
ATOM   420 C CA  . GLU A 1 78 ? -10.912 -12.035 9.461   1.00 51.57 ? 78  GLU A CA  1 
ATOM   421 C C   . GLU A 1 78 ? -10.467 -13.176 8.605   1.00 50.32 ? 78  GLU A C   1 
ATOM   422 O O   . GLU A 1 78 ? -11.157 -13.565 7.684   1.00 51.32 ? 78  GLU A O   1 
ATOM   423 C CB  . GLU A 1 78 ? -12.009 -11.254 8.720   1.00 52.00 ? 78  GLU A CB  1 
ATOM   424 C CG  . GLU A 1 78 ? -12.383 -9.818  9.221   1.00 57.26 ? 78  GLU A CG  1 
ATOM   425 C CD  . GLU A 1 78 ? -13.041 -9.721  10.591  1.00 62.74 ? 78  GLU A CD  1 
ATOM   426 O OE1 . GLU A 1 78 ? -13.759 -10.646 11.023  1.00 67.31 ? 78  GLU A OE1 1 
ATOM   427 O OE2 . GLU A 1 78 ? -12.846 -8.669  11.268  1.00 71.29 ? 78  GLU A OE2 1 
ATOM   428 N N   . GLY A 1 79 ? -9.292  -13.701 8.852   1.00 49.44 ? 79  GLY A N   1 
ATOM   429 C CA  . GLY A 1 79 ? -8.730  -14.697 7.928   1.00 50.00 ? 79  GLY A CA  1 
ATOM   430 C C   . GLY A 1 79 ? -8.357  -14.281 6.494   1.00 50.62 ? 79  GLY A C   1 
ATOM   431 O O   . GLY A 1 79 ? -8.063  -15.159 5.687   1.00 51.98 ? 79  GLY A O   1 
ATOM   432 N N   . VAL A 1 80 ? -8.368  -12.982 6.160   1.00 49.66 ? 80  VAL A N   1 
ATOM   433 C CA  . VAL A 1 80 ? -7.803  -12.494 4.903   1.00 48.99 ? 80  VAL A CA  1 
ATOM   434 C C   . VAL A 1 80 ? -6.396  -12.045 5.191   1.00 48.96 ? 80  VAL A C   1 
ATOM   435 O O   . VAL A 1 80 ? -6.208  -11.373 6.141   1.00 48.18 ? 80  VAL A O   1 
ATOM   436 C CB  . VAL A 1 80 ? -8.564  -11.256 4.404   1.00 49.40 ? 80  VAL A CB  1 
ATOM   437 C CG1 . VAL A 1 80 ? -7.861  -10.653 3.119   1.00 47.93 ? 80  VAL A CG1 1 
ATOM   438 C CG2 . VAL A 1 80 ? -10.036 -11.583 4.172   1.00 49.11 ? 80  VAL A CG2 1 
ATOM   439 N N   . GLU A 1 81 ? -5.417  -12.399 4.375   1.00 49.73 ? 81  GLU A N   1 
ATOM   440 C CA  . GLU A 1 81 ? -4.032  -11.938 4.558   1.00 50.50 ? 81  GLU A CA  1 
ATOM   441 C C   . GLU A 1 81 ? -3.857  -10.713 3.700   1.00 48.44 ? 81  GLU A C   1 
ATOM   442 O O   . GLU A 1 81 ? -4.188  -10.752 2.505   1.00 48.37 ? 81  GLU A O   1 
ATOM   443 C CB  . GLU A 1 81 ? -3.000  -12.979 4.093   1.00 52.84 ? 81  GLU A CB  1 
ATOM   444 C CG  . GLU A 1 81 ? -1.489  -12.458 3.909   1.00 59.34 ? 81  GLU A CG  1 
ATOM   445 C CD  . GLU A 1 81 ? -0.514  -13.504 3.223   1.00 66.61 ? 81  GLU A CD  1 
ATOM   446 O OE1 . GLU A 1 81 ? -0.387  -13.550 1.945   1.00 71.48 ? 81  GLU A OE1 1 
ATOM   447 O OE2 . GLU A 1 81 ? 0.152   -14.263 3.989   1.00 70.40 ? 81  GLU A OE2 1 
ATOM   448 N N   . TYR A 1 82 ? -3.361  -9.647  4.331   1.00 46.39 ? 82  TYR A N   1 
ATOM   449 C CA  . TYR A 1 82 ? -2.981  -8.404  3.669   1.00 45.45 ? 82  TYR A CA  1 
ATOM   450 C C   . TYR A 1 82 ? -1.501  -8.174  3.796   1.00 43.94 ? 82  TYR A C   1 
ATOM   451 O O   . TYR A 1 82 ? -0.840  -8.741  4.657   1.00 43.42 ? 82  TYR A O   1 
ATOM   452 C CB  . TYR A 1 82 ? -3.685  -7.223  4.325   1.00 44.48 ? 82  TYR A CB  1 
ATOM   453 C CG  . TYR A 1 82 ? -5.164  -7.366  4.213   1.00 47.20 ? 82  TYR A CG  1 
ATOM   454 C CD1 . TYR A 1 82 ? -5.843  -6.894  3.088   1.00 45.58 ? 82  TYR A CD1 1 
ATOM   455 C CD2 . TYR A 1 82 ? -5.878  -8.030  5.200   1.00 46.04 ? 82  TYR A CD2 1 
ATOM   456 C CE1 . TYR A 1 82 ? -7.167  -7.103  2.951   1.00 49.60 ? 82  TYR A CE1 1 
ATOM   457 C CE2 . TYR A 1 82 ? -7.196  -8.174  5.104   1.00 48.32 ? 82  TYR A CE2 1 
ATOM   458 C CZ  . TYR A 1 82 ? -7.860  -7.741  3.982   1.00 50.41 ? 82  TYR A CZ  1 
ATOM   459 O OH  . TYR A 1 82 ? -9.238  -7.930  3.895   1.00 52.13 ? 82  TYR A OH  1 
ATOM   460 N N   . LYS A 1 83 ? -1.006  -7.285  2.921   1.00 42.86 ? 83  LYS A N   1 
ATOM   461 C CA  . LYS A 1 83 ? 0.366   -6.741  2.968   1.00 41.44 ? 83  LYS A CA  1 
ATOM   462 C C   . LYS A 1 83 ? 0.345   -5.219  3.262   1.00 38.78 ? 83  LYS A C   1 
ATOM   463 O O   . LYS A 1 83 ? -0.446  -4.521  2.706   1.00 38.21 ? 83  LYS A O   1 
ATOM   464 C CB  . LYS A 1 83 ? 1.035   -6.971  1.623   1.00 42.22 ? 83  LYS A CB  1 
ATOM   465 C CG  . LYS A 1 83 ? 1.295   -8.422  1.332   1.00 45.19 ? 83  LYS A CG  1 
ATOM   466 C CD  . LYS A 1 83 ? 2.666   -8.852  1.822   1.00 50.25 ? 83  LYS A CD  1 
ATOM   467 C CE  . LYS A 1 83 ? 3.147   -10.059 0.971   1.00 54.89 ? 83  LYS A CE  1 
ATOM   468 N NZ  . LYS A 1 83 ? 4.289   -10.841 1.549   1.00 56.29 ? 83  LYS A NZ  1 
ATOM   469 N N   . VAL A 1 84 ? 1.188   -4.757  4.168   1.00 36.83 ? 84  VAL A N   1 
ATOM   470 C CA  . VAL A 1 84 ? 1.452   -3.367  4.331   1.00 35.75 ? 84  VAL A CA  1 
ATOM   471 C C   . VAL A 1 84 ? 2.849   -3.101  3.750   1.00 34.62 ? 84  VAL A C   1 
ATOM   472 O O   . VAL A 1 84 ? 3.849   -3.692  4.129   1.00 35.09 ? 84  VAL A O   1 
ATOM   473 C CB  . VAL A 1 84 ? 1.297   -2.921  5.776   1.00 36.62 ? 84  VAL A CB  1 
ATOM   474 C CG1 . VAL A 1 84 ? 1.424   -1.362  5.817   1.00 32.77 ? 84  VAL A CG1 1 
ATOM   475 C CG2 . VAL A 1 84 ? -0.064  -3.492  6.455   1.00 34.01 ? 84  VAL A CG2 1 
ATOM   476 N N   . LEU A 1 85 ? 2.845   -2.328  2.677   1.00 32.89 ? 85  LEU A N   1 
ATOM   477 C CA  . LEU A 1 85 ? 3.998   -1.972  1.882   1.00 31.97 ? 85  LEU A CA  1 
ATOM   478 C C   . LEU A 1 85 ? 4.263   -0.503  2.074   1.00 32.34 ? 85  LEU A C   1 
ATOM   479 O O   . LEU A 1 85 ? 3.362   0.221   2.409   1.00 32.84 ? 85  LEU A O   1 
ATOM   480 C CB  . LEU A 1 85 ? 3.647   -2.168  0.415   1.00 31.32 ? 85  LEU A CB  1 
ATOM   481 C CG  . LEU A 1 85 ? 3.122   -3.473  -0.090  1.00 34.47 ? 85  LEU A CG  1 
ATOM   482 C CD1 . LEU A 1 85 ? 3.087   -3.474  -1.590  1.00 37.15 ? 85  LEU A CD1 1 
ATOM   483 C CD2 . LEU A 1 85 ? 4.009   -4.579  0.395   1.00 37.23 ? 85  LEU A CD2 1 
ATOM   484 N N   . ARG A 1 86 ? 5.490   -0.065  1.817   1.00 33.04 ? 86  ARG A N   1 
ATOM   485 C CA  . ARG A 1 86 ? 5.727   1.318   1.447   1.00 33.49 ? 86  ARG A CA  1 
ATOM   486 C C   . ARG A 1 86 ? 5.316   1.547   -0.024  1.00 32.14 ? 86  ARG A C   1 
ATOM   487 O O   . ARG A 1 86 ? 5.504   0.663   -0.906  1.00 31.03 ? 86  ARG A O   1 
ATOM   488 C CB  . ARG A 1 86 ? 7.205   1.684   1.640   1.00 34.30 ? 86  ARG A CB  1 
ATOM   489 C CG  . ARG A 1 86 ? 7.680   1.316   2.948   1.00 39.33 ? 86  ARG A CG  1 
ATOM   490 C CD  . ARG A 1 86 ? 8.808   2.065   3.516   1.00 46.02 ? 86  ARG A CD  1 
ATOM   491 N NE  . ARG A 1 86 ? 8.342   3.311   4.113   1.00 47.96 ? 86  ARG A NE  1 
ATOM   492 C CZ  . ARG A 1 86 ? 8.840   3.950   5.186   1.00 46.17 ? 86  ARG A CZ  1 
ATOM   493 N NH1 . ARG A 1 86 ? 9.804   3.487   5.973   1.00 48.03 ? 86  ARG A NH1 1 
ATOM   494 N NH2 . ARG A 1 86 ? 8.271   5.080   5.523   1.00 48.86 ? 86  ARG A NH2 1 
ATOM   495 N N   . GLU A 1 87 ? 4.769   2.696   -0.329  1.00 31.31 ? 87  GLU A N   1 
ATOM   496 C CA  . GLU A 1 87 ? 4.599   3.026   -1.762  1.00 31.78 ? 87  GLU A CA  1 
ATOM   497 C C   . GLU A 1 87 ? 5.817   2.680   -2.635  1.00 32.06 ? 87  GLU A C   1 
ATOM   498 O O   . GLU A 1 87 ? 5.693   2.178   -3.726  1.00 32.62 ? 87  GLU A O   1 
ATOM   499 C CB  . GLU A 1 87 ? 4.176   4.482   -1.878  1.00 32.79 ? 87  GLU A CB  1 
ATOM   500 C CG  . GLU A 1 87 ? 3.638   4.841   -3.254  1.00 34.77 ? 87  GLU A CG  1 
ATOM   501 C CD  . GLU A 1 87 ? 3.325   6.313   -3.325  1.00 38.26 ? 87  GLU A CD  1 
ATOM   502 O OE1 . GLU A 1 87 ? 4.293   7.068   -3.437  1.00 42.25 ? 87  GLU A OE1 1 
ATOM   503 O OE2 . GLU A 1 87 ? 2.127   6.706   -3.299  1.00 38.33 ? 87  GLU A OE2 1 
ATOM   504 N N   . ASP A 1 88 ? 7.015   2.818   -2.132  1.00 31.85 ? 88  ASP A N   1 
ATOM   505 C CA  . ASP A 1 88 ? 8.193   2.516   -2.903  1.00 32.91 ? 88  ASP A CA  1 
ATOM   506 C C   . ASP A 1 88 ? 8.375   1.075   -3.243  1.00 32.35 ? 88  ASP A C   1 
ATOM   507 O O   . ASP A 1 88 ? 9.079   0.777   -4.231  1.00 33.21 ? 88  ASP A O   1 
ATOM   508 C CB  . ASP A 1 88 ? 9.466   3.003   -2.187  1.00 34.07 ? 88  ASP A CB  1 
ATOM   509 C CG  . ASP A 1 88 ? 10.724  2.865   -3.046  1.00 37.62 ? 88  ASP A CG  1 
ATOM   510 O OD1 . ASP A 1 88 ? 10.763  3.542   -4.114  1.00 41.89 ? 88  ASP A OD1 1 
ATOM   511 O OD2 . ASP A 1 88 ? 11.636  2.063   -2.669  1.00 42.47 ? 88  ASP A OD2 1 
ATOM   512 N N   . ASP A 1 89 ? 7.706   0.202   -2.493  1.00 31.57 ? 89  ASP A N   1 
ATOM   513 C CA  . ASP A 1 89 ? 7.646   -1.250  -2.821  1.00 32.50 ? 89  ASP A CA  1 
ATOM   514 C C   . ASP A 1 89 ? 6.778   -1.587  -4.086  1.00 32.58 ? 89  ASP A C   1 
ATOM   515 O O   . ASP A 1 89 ? 6.869   -2.674  -4.668  1.00 32.40 ? 89  ASP A O   1 
ATOM   516 C CB  . ASP A 1 89 ? 7.061   -2.018  -1.635  1.00 32.56 ? 89  ASP A CB  1 
ATOM   517 C CG  . ASP A 1 89 ? 7.924   -2.012  -0.401  1.00 33.73 ? 89  ASP A CG  1 
ATOM   518 O OD1 . ASP A 1 89 ? 9.162   -2.037  -0.524  1.00 36.76 ? 89  ASP A OD1 1 
ATOM   519 O OD2 . ASP A 1 89 ? 7.351   -2.047  0.746   1.00 33.43 ? 89  ASP A OD2 1 
ATOM   520 N N   . ILE A 1 90 ? 5.943   -0.660  -4.503  1.00 33.40 ? 90  ILE A N   1 
ATOM   521 C CA  . ILE A 1 90 ? 4.965   -0.907  -5.559  1.00 33.44 ? 90  ILE A CA  1 
ATOM   522 C C   . ILE A 1 90 ? 5.631   -0.563  -6.871  1.00 32.66 ? 90  ILE A C   1 
ATOM   523 O O   . ILE A 1 90 ? 6.061   0.561   -7.097  1.00 29.92 ? 90  ILE A O   1 
ATOM   524 C CB  . ILE A 1 90 ? 3.702   -0.043  -5.396  1.00 33.46 ? 90  ILE A CB  1 
ATOM   525 C CG1 . ILE A 1 90 ? 2.968   -0.348  -4.103  1.00 36.03 ? 90  ILE A CG1 1 
ATOM   526 C CG2 . ILE A 1 90 ? 2.749   -0.227  -6.603  1.00 35.52 ? 90  ILE A CG2 1 
ATOM   527 C CD1 . ILE A 1 90 ? 2.631   -1.829  -4.047  1.00 43.40 ? 90  ILE A CD1 1 
ATOM   528 N N   . LEU A 1 91 ? 5.789   -1.578  -7.715  1.00 31.66 ? 91  LEU A N   1 
ATOM   529 C CA  . LEU A 1 91 ? 6.424   -1.379  -8.971  1.00 32.20 ? 91  LEU A CA  1 
ATOM   530 C C   . LEU A 1 91 ? 5.594   -0.514  -9.986  1.00 30.98 ? 91  LEU A C   1 
ATOM   531 O O   . LEU A 1 91 ? 6.121   0.369   -10.681 1.00 32.37 ? 91  LEU A O   1 
ATOM   532 C CB  . LEU A 1 91 ? 6.689   -2.762  -9.615  1.00 32.42 ? 91  LEU A CB  1 
ATOM   533 C CG  . LEU A 1 91 ? 7.830   -3.648  -9.167  1.00 34.08 ? 91  LEU A CG  1 
ATOM   534 C CD1 . LEU A 1 91 ? 7.822   -3.665  -7.733  1.00 38.15 ? 91  LEU A CD1 1 
ATOM   535 C CD2 . LEU A 1 91 ? 7.542   -5.005  -9.644  1.00 36.71 ? 91  LEU A CD2 1 
ATOM   536 N N   . ALA A 1 92 ? 4.314   -0.829  -10.081 1.00 30.69 ? 92  ALA A N   1 
ATOM   537 C CA  . ALA A 1 92 ? 3.519   -0.416  -11.209 1.00 31.60 ? 92  ALA A CA  1 
ATOM   538 C C   . ALA A 1 92 ? 2.062   -0.498  -10.813 1.00 32.10 ? 92  ALA A C   1 
ATOM   539 O O   . ALA A 1 92 ? 1.632   -1.413  -10.053 1.00 30.83 ? 92  ALA A O   1 
ATOM   540 C CB  . ALA A 1 92 ? 3.851   -1.338  -12.433 1.00 31.11 ? 92  ALA A CB  1 
ATOM   541 N N   . VAL A 1 93 ? 1.306   0.513   -11.241 1.00 34.53 ? 93  VAL A N   1 
ATOM   542 C CA  . VAL A 1 93 ? -0.157  0.396   -11.326 1.00 36.67 ? 93  VAL A CA  1 
ATOM   543 C C   . VAL A 1 93 ? -0.499  -0.270  -12.701 1.00 40.38 ? 93  VAL A C   1 
ATOM   544 O O   . VAL A 1 93 ? -0.019  0.146   -13.785 1.00 40.25 ? 93  VAL A O   1 
ATOM   545 C CB  . VAL A 1 93 ? -0.940  1.729   -11.200 1.00 34.76 ? 93  VAL A CB  1 
ATOM   546 C CG1 . VAL A 1 93 ? -2.391  1.457   -11.554 1.00 35.17 ? 93  VAL A CG1 1 
ATOM   547 C CG2 . VAL A 1 93 ? -0.772  2.358   -9.799  1.00 33.25 ? 93  VAL A CG2 1 
ATOM   548 N N   . ILE A 1 94 ? -1.334  -1.301  -12.612 1.00 44.56 ? 94  ILE A N   1 
ATOM   549 C CA  . ILE A 1 94 ? -1.804  -2.058  -13.727 1.00 47.95 ? 94  ILE A CA  1 
ATOM   550 C C   . ILE A 1 94 ? -3.204  -1.636  -14.183 1.00 50.12 ? 94  ILE A C   1 
ATOM   551 O O   . ILE A 1 94 ? -3.511  -1.587  -15.381 1.00 51.58 ? 94  ILE A O   1 
ATOM   552 C CB  . ILE A 1 94 ? -1.984  -3.416  -13.315 1.00 48.74 ? 94  ILE A CB  1 
ATOM   553 C CG1 . ILE A 1 94 ? -0.627  -4.054  -13.015 1.00 50.51 ? 94  ILE A CG1 1 
ATOM   554 C CG2 . ILE A 1 94 ? -2.910  -4.089  -14.369 1.00 53.32 ? 94  ILE A CG2 1 
ATOM   555 C CD1 . ILE A 1 94 ? 0.653   -3.274  -13.549 1.00 50.91 ? 94  ILE A CD1 1 
ATOM   556 N N   . GLY A 1 95 ? -4.085  -1.370  -13.248 1.00 50.96 ? 95  GLY A N   1 
ATOM   557 C CA  . GLY A 1 95 ? -5.299  -0.670  -13.646 1.00 52.56 ? 95  GLY A CA  1 
ATOM   558 C C   . GLY A 1 95 ? -6.227  -0.492  -12.475 1.00 52.61 ? 95  GLY A C   1 
ATOM   559 O O   . GLY A 1 95 ? -5.748  -0.250  -11.382 1.00 53.72 ? 95  GLY A O   1 
HETATM 560 O O   . HOH B 2 .  ? 8.290   2.021   -6.773  1.00 39.26 ? 96  HOH A O   1 
HETATM 561 O O   . HOH B 2 .  ? -3.162  7.595   7.389   1.00 36.97 ? 97  HOH A O   1 
HETATM 562 O O   . HOH B 2 .  ? 3.359   9.533   0.620   1.00 45.73 ? 98  HOH A O   1 
HETATM 563 O O   . HOH B 2 .  ? -4.788  9.457   1.796   1.00 56.54 ? 99  HOH A O   1 
HETATM 564 O O   . HOH B 2 .  ? 1.916   7.120   -0.290  1.00 47.09 ? 100 HOH A O   1 
HETATM 565 O O   . HOH B 2 .  ? 0.467   11.828  7.367   1.00 43.82 ? 101 HOH A O   1 
HETATM 566 O O   . HOH B 2 .  ? -2.610  9.205   9.248   1.00 46.55 ? 102 HOH A O   1 
HETATM 567 O O   . HOH B 2 .  ? 5.827   -2.009  4.986   1.00 38.14 ? 103 HOH A O   1 
HETATM 568 O O   . HOH B 2 .  ? 7.800   4.732   -0.053  1.00 42.69 ? 104 HOH A O   1 
HETATM 569 O O   . HOH B 2 .  ? 5.081   18.228  7.074   1.00 61.94 ? 105 HOH A O   1 
HETATM 570 O O   . HOH B 2 .  ? -3.415  5.476   -9.564  1.00 43.32 ? 106 HOH A O   1 
HETATM 571 O O   . HOH B 2 .  ? -11.399 -1.141  1.219   1.00 61.66 ? 107 HOH A O   1 
HETATM 572 O O   . HOH B 2 .  ? 1.436   -10.884 -1.397  1.00 57.84 ? 108 HOH A O   1 
HETATM 573 O O   . HOH B 2 .  ? 11.461  1.752   0.757   1.00 59.24 ? 109 HOH A O   1 
HETATM 574 O O   . HOH B 2 .  ? -7.567  4.250   2.534   1.00 48.53 ? 110 HOH A O   1 
HETATM 575 O O   . HOH B 2 .  ? -0.124  9.352   8.504   1.00 37.69 ? 111 HOH A O   1 
HETATM 576 O O   . HOH B 2 .  ? -8.013  6.069   -2.587  1.00 51.40 ? 112 HOH A O   1 
HETATM 577 O O   . HOH B 2 .  ? -8.430  6.677   1.027   1.00 58.23 ? 113 HOH A O   1 
HETATM 578 O O   . HOH B 2 .  ? 12.066  16.696  7.886   1.00 72.89 ? 114 HOH A O   1 
HETATM 579 O O   . HOH B 2 .  ? 5.339   10.411  -5.310  1.00 61.38 ? 115 HOH A O   1 
HETATM 580 O O   . HOH B 2 .  ? -9.830  -1.782  -3.289  1.00 54.23 ? 116 HOH A O   1 
HETATM 581 O O   . HOH B 2 .  ? 7.925   11.312  8.419   1.00 53.84 ? 117 HOH A O   1 
HETATM 582 O O   . HOH B 2 .  ? 8.796   -4.476  -4.528  1.00 39.32 ? 118 HOH A O   1 
HETATM 583 O O   . HOH B 2 .  ? 7.957   -1.983  3.108   1.00 36.39 ? 119 HOH A O   1 
HETATM 584 O O   . HOH B 2 .  ? 10.549  -3.820  -2.405  1.00 44.83 ? 120 HOH A O   1 
HETATM 585 O O   . HOH B 2 .  ? -7.397  -13.447 10.666  1.00 51.48 ? 121 HOH A O   1 
HETATM 586 O O   . HOH B 2 .  ? -6.966  8.926   -3.029  1.00 55.13 ? 122 HOH A O   1 
HETATM 587 O O   . HOH B 2 .  ? 7.266   -3.683  6.561   1.00 47.16 ? 123 HOH A O   1 
HETATM 588 O O   . HOH B 2 .  ? 5.450   -9.987  7.845   1.00 59.03 ? 124 HOH A O   1 
HETATM 589 O O   . HOH B 2 .  ? -3.647  11.499  9.016   1.00 47.50 ? 125 HOH A O   1 
HETATM 590 O O   . HOH B 2 .  ? -12.242 -2.722  -1.325  1.00 56.54 ? 126 HOH A O   1 
HETATM 591 O O   . HOH B 2 .  ? -1.100  15.434  0.001   1.00 70.52 ? 127 HOH A O   1 
HETATM 592 O O   . HOH B 2 .  ? -0.335  22.821  4.577   1.00 60.62 ? 128 HOH A O   1 
HETATM 593 O O   . HOH B 2 .  ? -5.425  7.941   6.176   1.00 82.70 ? 129 HOH A O   1 
HETATM 594 O O   . HOH B 2 .  ? 0.416   7.341   -9.776  1.00 47.32 ? 130 HOH A O   1 
HETATM 595 O O   . HOH B 2 .  ? 6.299   -10.665 10.025  1.00 61.74 ? 131 HOH A O   1 
HETATM 596 O O   . HOH B 2 .  ? -6.261  10.799  7.704   1.00 68.57 ? 132 HOH A O   1 
# 
loop_
_pdbx_poly_seq_scheme.asym_id 
_pdbx_poly_seq_scheme.entity_id 
_pdbx_poly_seq_scheme.seq_id 
_pdbx_poly_seq_scheme.mon_id 
_pdbx_poly_seq_scheme.ndb_seq_num 
_pdbx_poly_seq_scheme.pdb_seq_num 
_pdbx_poly_seq_scheme.auth_seq_num 
_pdbx_poly_seq_scheme.pdb_mon_id 
_pdbx_poly_seq_scheme.auth_mon_id 
_pdbx_poly_seq_scheme.pdb_strand_id 
_pdbx_poly_seq_scheme.pdb_ins_code 
_pdbx_poly_seq_scheme.hetero 
A 1 1  MET 1  1  ?  ?   ?   A . n 
A 1 2  SER 2  2  2  SER SER A . n 
A 1 3  ILE 3  3  3  ILE ILE A . n 
A 1 4  LYS 4  4  4  LYS LYS A . n 
A 1 5  PRO 5  5  5  PRO PRO A . n 
A 1 6  LEU 6  6  6  LEU LEU A . n 
A 1 7  HIS 7  7  7  HIS HIS A . n 
A 1 8  ASP 8  8  8  ASP ASP A . n 
A 1 9  ARG 9  9  9  ARG ARG A . n 
A 1 10 VAL 10 10 10 VAL VAL A . n 
A 1 11 VAL 11 11 11 VAL VAL A . n 
A 1 12 VAL 12 12 12 VAL VAL A . n 
A 1 13 LYS 13 13 13 LYS LYS A . n 
A 1 14 PRO 14 14 14 PRO PRO A . n 
A 1 15 ILE 15 15 15 ILE ILE A . n 
A 1 16 GLU 16 16 ?  ?   ?   A . n 
A 1 17 ALA 17 17 ?  ?   ?   A . n 
A 1 18 ASP 18 18 ?  ?   ?   A . n 
A 1 19 GLU 19 19 ?  ?   ?   A . n 
A 1 20 VAL 20 20 ?  ?   ?   A . n 
A 1 21 SER 21 21 ?  ?   ?   A . n 
A 1 22 ALA 22 22 ?  ?   ?   A . n 
A 1 23 GLY 23 23 ?  ?   ?   A . n 
A 1 24 GLY 24 24 ?  ?   ?   A . n 
A 1 25 ILE 25 25 ?  ?   ?   A . n 
A 1 26 VAL 26 26 ?  ?   ?   A . n 
A 1 27 ILE 27 27 ?  ?   ?   A . n 
A 1 28 PRO 28 28 ?  ?   ?   A . n 
A 1 29 ASP 29 29 ?  ?   ?   A . n 
A 1 30 SER 30 30 ?  ?   ?   A . n 
A 1 31 ALA 31 31 ?  ?   ?   A . n 
A 1 32 LYS 32 32 ?  ?   ?   A . n 
A 1 33 GLU 33 33 ?  ?   ?   A . n 
A 1 34 LYS 34 34 ?  ?   ?   A . n 
A 1 35 SER 35 35 35 SER SER A . n 
A 1 36 THR 36 36 36 THR THR A . n 
A 1 37 LYS 37 37 37 LYS LYS A . n 
A 1 38 GLY 38 38 38 GLY GLY A . n 
A 1 39 GLU 39 39 39 GLU GLU A . n 
A 1 40 VAL 40 40 40 VAL VAL A . n 
A 1 41 VAL 41 41 41 VAL VAL A . n 
A 1 42 ALA 42 42 42 ALA ALA A . n 
A 1 43 ILE 43 43 43 ILE ILE A . n 
A 1 44 GLY 44 44 44 GLY GLY A . n 
A 1 45 ALA 45 45 45 ALA ALA A . n 
A 1 46 GLY 46 46 46 GLY GLY A . n 
A 1 47 LYS 47 47 47 LYS LYS A . n 
A 1 48 PRO 48 48 48 PRO PRO A . n 
A 1 49 LEU 49 49 49 LEU LEU A . n 
A 1 50 ASP 50 50 50 ASP ASP A . n 
A 1 51 ASN 51 51 51 ASN ASN A . n 
A 1 52 GLY 52 52 52 GLY GLY A . n 
A 1 53 SER 53 53 53 SER SER A . n 
A 1 54 LEU 54 54 54 LEU LEU A . n 
A 1 55 HIS 55 55 55 HIS HIS A . n 
A 1 56 ALA 56 56 56 ALA ALA A . n 
A 1 57 PRO 57 57 57 PRO PRO A . n 
A 1 58 VAL 58 58 58 VAL VAL A . n 
A 1 59 VAL 59 59 59 VAL VAL A . n 
A 1 60 LYS 60 60 60 LYS LYS A . n 
A 1 61 VAL 61 61 61 VAL VAL A . n 
A 1 62 GLY 62 62 62 GLY GLY A . n 
A 1 63 ASP 63 63 63 ASP ASP A . n 
A 1 64 LYS 64 64 64 LYS LYS A . n 
A 1 65 VAL 65 65 65 VAL VAL A . n 
A 1 66 ILE 66 66 66 ILE ILE A . n 
A 1 67 TYR 67 67 67 TYR TYR A . n 
A 1 68 GLY 68 68 68 GLY GLY A . n 
A 1 69 GLN 69 69 69 GLN GLN A . n 
A 1 70 TYR 70 70 70 TYR TYR A . n 
A 1 71 ALA 71 71 71 ALA ALA A . n 
A 1 72 GLY 72 72 72 GLY GLY A . n 
A 1 73 SER 73 73 73 SER SER A . n 
A 1 74 SER 74 74 74 SER SER A . n 
A 1 75 TYR 75 75 75 TYR TYR A . n 
A 1 76 LYS 76 76 76 LYS LYS A . n 
A 1 77 SER 77 77 77 SER SER A . n 
A 1 78 GLU 78 78 78 GLU GLU A . n 
A 1 79 GLY 79 79 79 GLY GLY A . n 
A 1 80 VAL 80 80 80 VAL VAL A . n 
A 1 81 GLU 81 81 81 GLU GLU A . n 
A 1 82 TYR 82 82 82 TYR TYR A . n 
A 1 83 LYS 83 83 83 LYS LYS A . n 
A 1 84 VAL 84 84 84 VAL VAL A . n 
A 1 85 LEU 85 85 85 LEU LEU A . n 
A 1 86 ARG 86 86 86 ARG ARG A . n 
A 1 87 GLU 87 87 87 GLU GLU A . n 
A 1 88 ASP 88 88 88 ASP ASP A . n 
A 1 89 ASP 89 89 89 ASP ASP A . n 
A 1 90 ILE 90 90 90 ILE ILE A . n 
A 1 91 LEU 91 91 91 LEU LEU A . n 
A 1 92 ALA 92 92 92 ALA ALA A . n 
A 1 93 VAL 93 93 93 VAL VAL A . n 
A 1 94 ILE 94 94 94 ILE ILE A . n 
A 1 95 GLY 95 95 95 GLY GLY A . n 
# 
loop_
_pdbx_nonpoly_scheme.asym_id 
_pdbx_nonpoly_scheme.entity_id 
_pdbx_nonpoly_scheme.mon_id 
_pdbx_nonpoly_scheme.ndb_seq_num 
_pdbx_nonpoly_scheme.pdb_seq_num 
_pdbx_nonpoly_scheme.auth_seq_num 
_pdbx_nonpoly_scheme.pdb_mon_id 
_pdbx_nonpoly_scheme.auth_mon_id 
_pdbx_nonpoly_scheme.pdb_strand_id 
_pdbx_nonpoly_scheme.pdb_ins_code 
B 2 HOH 1  96  1  HOH HOH A . 
B 2 HOH 2  97  2  HOH HOH A . 
B 2 HOH 3  98  3  HOH HOH A . 
B 2 HOH 4  99  4  HOH HOH A . 
B 2 HOH 5  100 5  HOH HOH A . 
B 2 HOH 6  101 6  HOH HOH A . 
B 2 HOH 7  102 7  HOH HOH A . 
B 2 HOH 8  103 8  HOH HOH A . 
B 2 HOH 9  104 9  HOH HOH A . 
B 2 HOH 10 105 10 HOH HOH A . 
B 2 HOH 11 106 11 HOH HOH A . 
B 2 HOH 12 107 12 HOH HOH A . 
B 2 HOH 13 108 13 HOH HOH A . 
B 2 HOH 14 109 14 HOH HOH A . 
B 2 HOH 15 110 15 HOH HOH A . 
B 2 HOH 16 111 16 HOH HOH A . 
B 2 HOH 17 112 17 HOH HOH A . 
B 2 HOH 18 113 18 HOH HOH A . 
B 2 HOH 19 114 19 HOH HOH A . 
B 2 HOH 20 115 20 HOH HOH A . 
B 2 HOH 21 116 21 HOH HOH A . 
B 2 HOH 22 117 22 HOH HOH A . 
B 2 HOH 23 118 23 HOH HOH A . 
B 2 HOH 24 119 24 HOH HOH A . 
B 2 HOH 25 120 25 HOH HOH A . 
B 2 HOH 26 121 26 HOH HOH A . 
B 2 HOH 27 122 27 HOH HOH A . 
B 2 HOH 28 123 28 HOH HOH A . 
B 2 HOH 29 124 29 HOH HOH A . 
B 2 HOH 30 125 30 HOH HOH A . 
B 2 HOH 31 126 31 HOH HOH A . 
B 2 HOH 32 127 32 HOH HOH A . 
B 2 HOH 33 128 33 HOH HOH A . 
B 2 HOH 34 129 34 HOH HOH A . 
B 2 HOH 35 130 35 HOH HOH A . 
B 2 HOH 36 131 36 HOH HOH A . 
B 2 HOH 37 132 37 HOH HOH A . 
# 
_pdbx_struct_assembly.id                   1 
_pdbx_struct_assembly.details              author_and_software_defined_assembly 
_pdbx_struct_assembly.method_details       PISA 
_pdbx_struct_assembly.oligomeric_details   monomeric 
_pdbx_struct_assembly.oligomeric_count     1 
# 
_pdbx_struct_assembly_gen.assembly_id       1 
_pdbx_struct_assembly_gen.oper_expression   1 
_pdbx_struct_assembly_gen.asym_id_list      A,B 
# 
_pdbx_struct_oper_list.id                   1 
_pdbx_struct_oper_list.type                 'identity operation' 
_pdbx_struct_oper_list.name                 1_555 
_pdbx_struct_oper_list.symmetry_operation   x,y,z 
_pdbx_struct_oper_list.matrix[1][1]         1.0000000000 
_pdbx_struct_oper_list.matrix[1][2]         0.0000000000 
_pdbx_struct_oper_list.matrix[1][3]         0.0000000000 
_pdbx_struct_oper_list.vector[1]            0.0000000000 
_pdbx_struct_oper_list.matrix[2][1]         0.0000000000 
_pdbx_struct_oper_list.matrix[2][2]         1.0000000000 
_pdbx_struct_oper_list.matrix[2][3]         0.0000000000 
_pdbx_struct_oper_list.vector[2]            0.0000000000 
_pdbx_struct_oper_list.matrix[3][1]         0.0000000000 
_pdbx_struct_oper_list.matrix[3][2]         0.0000000000 
_pdbx_struct_oper_list.matrix[3][3]         1.0000000000 
_pdbx_struct_oper_list.vector[3]            0.0000000000 
# 
loop_
_pdbx_audit_revision_history.ordinal 
_pdbx_audit_revision_history.data_content_type 
_pdbx_audit_revision_history.major_revision 
_pdbx_audit_revision_history.minor_revision 
_pdbx_audit_revision_history.revision_date 
1 'Structure model' 1 0 2010-07-28 
2 'Structure model' 1 1 2011-07-13 
3 'Structure model' 1 2 2023-11-01 
# 
_pdbx_audit_revision_details.ordinal             1 
_pdbx_audit_revision_details.revision_ordinal    1 
_pdbx_audit_revision_details.data_content_type   'Structure model' 
_pdbx_audit_revision_details.provider            repository 
_pdbx_audit_revision_details.type                'Initial release' 
_pdbx_audit_revision_details.description         ? 
_pdbx_audit_revision_details.details             ? 
# 
loop_
_pdbx_audit_revision_group.ordinal 
_pdbx_audit_revision_group.revision_ordinal 
_pdbx_audit_revision_group.data_content_type 
_pdbx_audit_revision_group.group 
1 2 'Structure model' 'Version format compliance' 
2 3 'Structure model' 'Data collection'           
3 3 'Structure model' 'Database references'       
4 3 'Structure model' 'Refinement description'    
# 
loop_
_pdbx_audit_revision_category.ordinal 
_pdbx_audit_revision_category.revision_ordinal 
_pdbx_audit_revision_category.data_content_type 
_pdbx_audit_revision_category.category 
1 3 'Structure model' chem_comp_atom                
2 3 'Structure model' chem_comp_bond                
3 3 'Structure model' database_2                    
4 3 'Structure model' pdbx_initial_refinement_model 
5 3 'Structure model' struct_ref_seq_dif            
# 
loop_
_pdbx_audit_revision_item.ordinal 
_pdbx_audit_revision_item.revision_ordinal 
_pdbx_audit_revision_item.data_content_type 
_pdbx_audit_revision_item.item 
1 3 'Structure model' '_database_2.pdbx_DOI'                
2 3 'Structure model' '_database_2.pdbx_database_accession' 
3 3 'Structure model' '_struct_ref_seq_dif.details'         
# 
loop_
_software.name 
_software.classification 
_software.version 
_software.citation_id 
_software.pdbx_ordinal 
ADSC   'data collection' Quantum  ? 1 
MOLREP phasing           .        ? 2 
REFMAC refinement        5.5.0072 ? 3 
MOSFLM 'data reduction'  .        ? 4 
SCALA  'data scaling'    .        ? 5 
# 
_pdbx_validate_symm_contact.id                1 
_pdbx_validate_symm_contact.PDB_model_num     1 
_pdbx_validate_symm_contact.auth_atom_id_1    NZ 
_pdbx_validate_symm_contact.auth_asym_id_1    A 
_pdbx_validate_symm_contact.auth_comp_id_1    LYS 
_pdbx_validate_symm_contact.auth_seq_id_1     4 
_pdbx_validate_symm_contact.PDB_ins_code_1    ? 
_pdbx_validate_symm_contact.label_alt_id_1    ? 
_pdbx_validate_symm_contact.site_symmetry_1   1_555 
_pdbx_validate_symm_contact.auth_atom_id_2    O 
_pdbx_validate_symm_contact.auth_asym_id_2    A 
_pdbx_validate_symm_contact.auth_comp_id_2    HOH 
_pdbx_validate_symm_contact.auth_seq_id_2     130 
_pdbx_validate_symm_contact.PDB_ins_code_2    ? 
_pdbx_validate_symm_contact.label_alt_id_2    ? 
_pdbx_validate_symm_contact.site_symmetry_2   6_655 
_pdbx_validate_symm_contact.dist              1.80 
# 
loop_
_pdbx_validate_rmsd_angle.id 
_pdbx_validate_rmsd_angle.PDB_model_num 
_pdbx_validate_rmsd_angle.auth_atom_id_1 
_pdbx_validate_rmsd_angle.auth_asym_id_1 
_pdbx_validate_rmsd_angle.auth_comp_id_1 
_pdbx_validate_rmsd_angle.auth_seq_id_1 
_pdbx_validate_rmsd_angle.PDB_ins_code_1 
_pdbx_validate_rmsd_angle.label_alt_id_1 
_pdbx_validate_rmsd_angle.auth_atom_id_2 
_pdbx_validate_rmsd_angle.auth_asym_id_2 
_pdbx_validate_rmsd_angle.auth_comp_id_2 
_pdbx_validate_rmsd_angle.auth_seq_id_2 
_pdbx_validate_rmsd_angle.PDB_ins_code_2 
_pdbx_validate_rmsd_angle.label_alt_id_2 
_pdbx_validate_rmsd_angle.auth_atom_id_3 
_pdbx_validate_rmsd_angle.auth_asym_id_3 
_pdbx_validate_rmsd_angle.auth_comp_id_3 
_pdbx_validate_rmsd_angle.auth_seq_id_3 
_pdbx_validate_rmsd_angle.PDB_ins_code_3 
_pdbx_validate_rmsd_angle.label_alt_id_3 
_pdbx_validate_rmsd_angle.angle_value 
_pdbx_validate_rmsd_angle.angle_target_value 
_pdbx_validate_rmsd_angle.angle_deviation 
_pdbx_validate_rmsd_angle.angle_standard_deviation 
_pdbx_validate_rmsd_angle.linker_flag 
1 1 NE A ARG 86 ? ? CZ A ARG 86 ? ? NH1 A ARG 86 ? ? 125.18 120.30 4.88  0.50 N 
2 1 NE A ARG 86 ? ? CZ A ARG 86 ? ? NH2 A ARG 86 ? ? 116.98 120.30 -3.32 0.50 N 
# 
loop_
_pdbx_validate_torsion.id 
_pdbx_validate_torsion.PDB_model_num 
_pdbx_validate_torsion.auth_comp_id 
_pdbx_validate_torsion.auth_asym_id 
_pdbx_validate_torsion.auth_seq_id 
_pdbx_validate_torsion.PDB_ins_code 
_pdbx_validate_torsion.label_alt_id 
_pdbx_validate_torsion.phi 
_pdbx_validate_torsion.psi 
1 1 ILE A 3  ? ? -34.30 119.78  
2 1 HIS A 7  ? ? 58.71  -122.11 
3 1 HIS A 55 ? ? -58.47 108.85  
# 
loop_
_pdbx_unobs_or_zero_occ_residues.id 
_pdbx_unobs_or_zero_occ_residues.PDB_model_num 
_pdbx_unobs_or_zero_occ_residues.polymer_flag 
_pdbx_unobs_or_zero_occ_residues.occupancy_flag 
_pdbx_unobs_or_zero_occ_residues.auth_asym_id 
_pdbx_unobs_or_zero_occ_residues.auth_comp_id 
_pdbx_unobs_or_zero_occ_residues.auth_seq_id 
_pdbx_unobs_or_zero_occ_residues.PDB_ins_code 
_pdbx_unobs_or_zero_occ_residues.label_asym_id 
_pdbx_unobs_or_zero_occ_residues.label_comp_id 
_pdbx_unobs_or_zero_occ_residues.label_seq_id 
1  1 Y 1 A MET 1  ? A MET 1  
2  1 Y 1 A GLU 16 ? A GLU 16 
3  1 Y 1 A ALA 17 ? A ALA 17 
4  1 Y 1 A ASP 18 ? A ASP 18 
5  1 Y 1 A GLU 19 ? A GLU 19 
6  1 Y 1 A VAL 20 ? A VAL 20 
7  1 Y 1 A SER 21 ? A SER 21 
8  1 Y 1 A ALA 22 ? A ALA 22 
9  1 Y 1 A GLY 23 ? A GLY 23 
10 1 Y 1 A GLY 24 ? A GLY 24 
11 1 Y 1 A ILE 25 ? A ILE 25 
12 1 Y 1 A VAL 26 ? A VAL 26 
13 1 Y 1 A ILE 27 ? A ILE 27 
14 1 Y 1 A PRO 28 ? A PRO 28 
15 1 Y 1 A ASP 29 ? A ASP 29 
16 1 Y 1 A SER 30 ? A SER 30 
17 1 Y 1 A ALA 31 ? A ALA 31 
18 1 Y 1 A LYS 32 ? A LYS 32 
19 1 Y 1 A GLU 33 ? A GLU 33 
20 1 Y 1 A LYS 34 ? A LYS 34 
# 
loop_
_chem_comp_atom.comp_id 
_chem_comp_atom.atom_id 
_chem_comp_atom.type_symbol 
_chem_comp_atom.pdbx_aromatic_flag 
_chem_comp_atom.pdbx_stereo_config 
_chem_comp_atom.pdbx_ordinal 
ALA N    N N N 1   
ALA CA   C N S 2   
ALA C    C N N 3   
ALA O    O N N 4   
ALA CB   C N N 5   
ALA OXT  O N N 6   
ALA H    H N N 7   
ALA H2   H N N 8   
ALA HA   H N N 9   
ALA HB1  H N N 10  
ALA HB2  H N N 11  
ALA HB3  H N N 12  
ALA HXT  H N N 13  
ARG N    N N N 14  
ARG CA   C N S 15  
ARG C    C N N 16  
ARG O    O N N 17  
ARG CB   C N N 18  
ARG CG   C N N 19  
ARG CD   C N N 20  
ARG NE   N N N 21  
ARG CZ   C N N 22  
ARG NH1  N N N 23  
ARG NH2  N N N 24  
ARG OXT  O N N 25  
ARG H    H N N 26  
ARG H2   H N N 27  
ARG HA   H N N 28  
ARG HB2  H N N 29  
ARG HB3  H N N 30  
ARG HG2  H N N 31  
ARG HG3  H N N 32  
ARG HD2  H N N 33  
ARG HD3  H N N 34  
ARG HE   H N N 35  
ARG HH11 H N N 36  
ARG HH12 H N N 37  
ARG HH21 H N N 38  
ARG HH22 H N N 39  
ARG HXT  H N N 40  
ASN N    N N N 41  
ASN CA   C N S 42  
ASN C    C N N 43  
ASN O    O N N 44  
ASN CB   C N N 45  
ASN CG   C N N 46  
ASN OD1  O N N 47  
ASN ND2  N N N 48  
ASN OXT  O N N 49  
ASN H    H N N 50  
ASN H2   H N N 51  
ASN HA   H N N 52  
ASN HB2  H N N 53  
ASN HB3  H N N 54  
ASN HD21 H N N 55  
ASN HD22 H N N 56  
ASN HXT  H N N 57  
ASP N    N N N 58  
ASP CA   C N S 59  
ASP C    C N N 60  
ASP O    O N N 61  
ASP CB   C N N 62  
ASP CG   C N N 63  
ASP OD1  O N N 64  
ASP OD2  O N N 65  
ASP OXT  O N N 66  
ASP H    H N N 67  
ASP H2   H N N 68  
ASP HA   H N N 69  
ASP HB2  H N N 70  
ASP HB3  H N N 71  
ASP HD2  H N N 72  
ASP HXT  H N N 73  
GLN N    N N N 74  
GLN CA   C N S 75  
GLN C    C N N 76  
GLN O    O N N 77  
GLN CB   C N N 78  
GLN CG   C N N 79  
GLN CD   C N N 80  
GLN OE1  O N N 81  
GLN NE2  N N N 82  
GLN OXT  O N N 83  
GLN H    H N N 84  
GLN H2   H N N 85  
GLN HA   H N N 86  
GLN HB2  H N N 87  
GLN HB3  H N N 88  
GLN HG2  H N N 89  
GLN HG3  H N N 90  
GLN HE21 H N N 91  
GLN HE22 H N N 92  
GLN HXT  H N N 93  
GLU N    N N N 94  
GLU CA   C N S 95  
GLU C    C N N 96  
GLU O    O N N 97  
GLU CB   C N N 98  
GLU CG   C N N 99  
GLU CD   C N N 100 
GLU OE1  O N N 101 
GLU OE2  O N N 102 
GLU OXT  O N N 103 
GLU H    H N N 104 
GLU H2   H N N 105 
GLU HA   H N N 106 
GLU HB2  H N N 107 
GLU HB3  H N N 108 
GLU HG2  H N N 109 
GLU HG3  H N N 110 
GLU HE2  H N N 111 
GLU HXT  H N N 112 
GLY N    N N N 113 
GLY CA   C N N 114 
GLY C    C N N 115 
GLY O    O N N 116 
GLY OXT  O N N 117 
GLY H    H N N 118 
GLY H2   H N N 119 
GLY HA2  H N N 120 
GLY HA3  H N N 121 
GLY HXT  H N N 122 
HIS N    N N N 123 
HIS CA   C N S 124 
HIS C    C N N 125 
HIS O    O N N 126 
HIS CB   C N N 127 
HIS CG   C Y N 128 
HIS ND1  N Y N 129 
HIS CD2  C Y N 130 
HIS CE1  C Y N 131 
HIS NE2  N Y N 132 
HIS OXT  O N N 133 
HIS H    H N N 134 
HIS H2   H N N 135 
HIS HA   H N N 136 
HIS HB2  H N N 137 
HIS HB3  H N N 138 
HIS HD1  H N N 139 
HIS HD2  H N N 140 
HIS HE1  H N N 141 
HIS HE2  H N N 142 
HIS HXT  H N N 143 
HOH O    O N N 144 
HOH H1   H N N 145 
HOH H2   H N N 146 
ILE N    N N N 147 
ILE CA   C N S 148 
ILE C    C N N 149 
ILE O    O N N 150 
ILE CB   C N S 151 
ILE CG1  C N N 152 
ILE CG2  C N N 153 
ILE CD1  C N N 154 
ILE OXT  O N N 155 
ILE H    H N N 156 
ILE H2   H N N 157 
ILE HA   H N N 158 
ILE HB   H N N 159 
ILE HG12 H N N 160 
ILE HG13 H N N 161 
ILE HG21 H N N 162 
ILE HG22 H N N 163 
ILE HG23 H N N 164 
ILE HD11 H N N 165 
ILE HD12 H N N 166 
ILE HD13 H N N 167 
ILE HXT  H N N 168 
LEU N    N N N 169 
LEU CA   C N S 170 
LEU C    C N N 171 
LEU O    O N N 172 
LEU CB   C N N 173 
LEU CG   C N N 174 
LEU CD1  C N N 175 
LEU CD2  C N N 176 
LEU OXT  O N N 177 
LEU H    H N N 178 
LEU H2   H N N 179 
LEU HA   H N N 180 
LEU HB2  H N N 181 
LEU HB3  H N N 182 
LEU HG   H N N 183 
LEU HD11 H N N 184 
LEU HD12 H N N 185 
LEU HD13 H N N 186 
LEU HD21 H N N 187 
LEU HD22 H N N 188 
LEU HD23 H N N 189 
LEU HXT  H N N 190 
LYS N    N N N 191 
LYS CA   C N S 192 
LYS C    C N N 193 
LYS O    O N N 194 
LYS CB   C N N 195 
LYS CG   C N N 196 
LYS CD   C N N 197 
LYS CE   C N N 198 
LYS NZ   N N N 199 
LYS OXT  O N N 200 
LYS H    H N N 201 
LYS H2   H N N 202 
LYS HA   H N N 203 
LYS HB2  H N N 204 
LYS HB3  H N N 205 
LYS HG2  H N N 206 
LYS HG3  H N N 207 
LYS HD2  H N N 208 
LYS HD3  H N N 209 
LYS HE2  H N N 210 
LYS HE3  H N N 211 
LYS HZ1  H N N 212 
LYS HZ2  H N N 213 
LYS HZ3  H N N 214 
LYS HXT  H N N 215 
MET N    N N N 216 
MET CA   C N S 217 
MET C    C N N 218 
MET O    O N N 219 
MET CB   C N N 220 
MET CG   C N N 221 
MET SD   S N N 222 
MET CE   C N N 223 
MET OXT  O N N 224 
MET H    H N N 225 
MET H2   H N N 226 
MET HA   H N N 227 
MET HB2  H N N 228 
MET HB3  H N N 229 
MET HG2  H N N 230 
MET HG3  H N N 231 
MET HE1  H N N 232 
MET HE2  H N N 233 
MET HE3  H N N 234 
MET HXT  H N N 235 
PRO N    N N N 236 
PRO CA   C N S 237 
PRO C    C N N 238 
PRO O    O N N 239 
PRO CB   C N N 240 
PRO CG   C N N 241 
PRO CD   C N N 242 
PRO OXT  O N N 243 
PRO H    H N N 244 
PRO HA   H N N 245 
PRO HB2  H N N 246 
PRO HB3  H N N 247 
PRO HG2  H N N 248 
PRO HG3  H N N 249 
PRO HD2  H N N 250 
PRO HD3  H N N 251 
PRO HXT  H N N 252 
SER N    N N N 253 
SER CA   C N S 254 
SER C    C N N 255 
SER O    O N N 256 
SER CB   C N N 257 
SER OG   O N N 258 
SER OXT  O N N 259 
SER H    H N N 260 
SER H2   H N N 261 
SER HA   H N N 262 
SER HB2  H N N 263 
SER HB3  H N N 264 
SER HG   H N N 265 
SER HXT  H N N 266 
THR N    N N N 267 
THR CA   C N S 268 
THR C    C N N 269 
THR O    O N N 270 
THR CB   C N R 271 
THR OG1  O N N 272 
THR CG2  C N N 273 
THR OXT  O N N 274 
THR H    H N N 275 
THR H2   H N N 276 
THR HA   H N N 277 
THR HB   H N N 278 
THR HG1  H N N 279 
THR HG21 H N N 280 
THR HG22 H N N 281 
THR HG23 H N N 282 
THR HXT  H N N 283 
TYR N    N N N 284 
TYR CA   C N S 285 
TYR C    C N N 286 
TYR O    O N N 287 
TYR CB   C N N 288 
TYR CG   C Y N 289 
TYR CD1  C Y N 290 
TYR CD2  C Y N 291 
TYR CE1  C Y N 292 
TYR CE2  C Y N 293 
TYR CZ   C Y N 294 
TYR OH   O N N 295 
TYR OXT  O N N 296 
TYR H    H N N 297 
TYR H2   H N N 298 
TYR HA   H N N 299 
TYR HB2  H N N 300 
TYR HB3  H N N 301 
TYR HD1  H N N 302 
TYR HD2  H N N 303 
TYR HE1  H N N 304 
TYR HE2  H N N 305 
TYR HH   H N N 306 
TYR HXT  H N N 307 
VAL N    N N N 308 
VAL CA   C N S 309 
VAL C    C N N 310 
VAL O    O N N 311 
VAL CB   C N N 312 
VAL CG1  C N N 313 
VAL CG2  C N N 314 
VAL OXT  O N N 315 
VAL H    H N N 316 
VAL H2   H N N 317 
VAL HA   H N N 318 
VAL HB   H N N 319 
VAL HG11 H N N 320 
VAL HG12 H N N 321 
VAL HG13 H N N 322 
VAL HG21 H N N 323 
VAL HG22 H N N 324 
VAL HG23 H N N 325 
VAL HXT  H N N 326 
# 
loop_
_chem_comp_bond.comp_id 
_chem_comp_bond.atom_id_1 
_chem_comp_bond.atom_id_2 
_chem_comp_bond.value_order 
_chem_comp_bond.pdbx_aromatic_flag 
_chem_comp_bond.pdbx_stereo_config 
_chem_comp_bond.pdbx_ordinal 
ALA N   CA   sing N N 1   
ALA N   H    sing N N 2   
ALA N   H2   sing N N 3   
ALA CA  C    sing N N 4   
ALA CA  CB   sing N N 5   
ALA CA  HA   sing N N 6   
ALA C   O    doub N N 7   
ALA C   OXT  sing N N 8   
ALA CB  HB1  sing N N 9   
ALA CB  HB2  sing N N 10  
ALA CB  HB3  sing N N 11  
ALA OXT HXT  sing N N 12  
ARG N   CA   sing N N 13  
ARG N   H    sing N N 14  
ARG N   H2   sing N N 15  
ARG CA  C    sing N N 16  
ARG CA  CB   sing N N 17  
ARG CA  HA   sing N N 18  
ARG C   O    doub N N 19  
ARG C   OXT  sing N N 20  
ARG CB  CG   sing N N 21  
ARG CB  HB2  sing N N 22  
ARG CB  HB3  sing N N 23  
ARG CG  CD   sing N N 24  
ARG CG  HG2  sing N N 25  
ARG CG  HG3  sing N N 26  
ARG CD  NE   sing N N 27  
ARG CD  HD2  sing N N 28  
ARG CD  HD3  sing N N 29  
ARG NE  CZ   sing N N 30  
ARG NE  HE   sing N N 31  
ARG CZ  NH1  sing N N 32  
ARG CZ  NH2  doub N N 33  
ARG NH1 HH11 sing N N 34  
ARG NH1 HH12 sing N N 35  
ARG NH2 HH21 sing N N 36  
ARG NH2 HH22 sing N N 37  
ARG OXT HXT  sing N N 38  
ASN N   CA   sing N N 39  
ASN N   H    sing N N 40  
ASN N   H2   sing N N 41  
ASN CA  C    sing N N 42  
ASN CA  CB   sing N N 43  
ASN CA  HA   sing N N 44  
ASN C   O    doub N N 45  
ASN C   OXT  sing N N 46  
ASN CB  CG   sing N N 47  
ASN CB  HB2  sing N N 48  
ASN CB  HB3  sing N N 49  
ASN CG  OD1  doub N N 50  
ASN CG  ND2  sing N N 51  
ASN ND2 HD21 sing N N 52  
ASN ND2 HD22 sing N N 53  
ASN OXT HXT  sing N N 54  
ASP N   CA   sing N N 55  
ASP N   H    sing N N 56  
ASP N   H2   sing N N 57  
ASP CA  C    sing N N 58  
ASP CA  CB   sing N N 59  
ASP CA  HA   sing N N 60  
ASP C   O    doub N N 61  
ASP C   OXT  sing N N 62  
ASP CB  CG   sing N N 63  
ASP CB  HB2  sing N N 64  
ASP CB  HB3  sing N N 65  
ASP CG  OD1  doub N N 66  
ASP CG  OD2  sing N N 67  
ASP OD2 HD2  sing N N 68  
ASP OXT HXT  sing N N 69  
GLN N   CA   sing N N 70  
GLN N   H    sing N N 71  
GLN N   H2   sing N N 72  
GLN CA  C    sing N N 73  
GLN CA  CB   sing N N 74  
GLN CA  HA   sing N N 75  
GLN C   O    doub N N 76  
GLN C   OXT  sing N N 77  
GLN CB  CG   sing N N 78  
GLN CB  HB2  sing N N 79  
GLN CB  HB3  sing N N 80  
GLN CG  CD   sing N N 81  
GLN CG  HG2  sing N N 82  
GLN CG  HG3  sing N N 83  
GLN CD  OE1  doub N N 84  
GLN CD  NE2  sing N N 85  
GLN NE2 HE21 sing N N 86  
GLN NE2 HE22 sing N N 87  
GLN OXT HXT  sing N N 88  
GLU N   CA   sing N N 89  
GLU N   H    sing N N 90  
GLU N   H2   sing N N 91  
GLU CA  C    sing N N 92  
GLU CA  CB   sing N N 93  
GLU CA  HA   sing N N 94  
GLU C   O    doub N N 95  
GLU C   OXT  sing N N 96  
GLU CB  CG   sing N N 97  
GLU CB  HB2  sing N N 98  
GLU CB  HB3  sing N N 99  
GLU CG  CD   sing N N 100 
GLU CG  HG2  sing N N 101 
GLU CG  HG3  sing N N 102 
GLU CD  OE1  doub N N 103 
GLU CD  OE2  sing N N 104 
GLU OE2 HE2  sing N N 105 
GLU OXT HXT  sing N N 106 
GLY N   CA   sing N N 107 
GLY N   H    sing N N 108 
GLY N   H2   sing N N 109 
GLY CA  C    sing N N 110 
GLY CA  HA2  sing N N 111 
GLY CA  HA3  sing N N 112 
GLY C   O    doub N N 113 
GLY C   OXT  sing N N 114 
GLY OXT HXT  sing N N 115 
HIS N   CA   sing N N 116 
HIS N   H    sing N N 117 
HIS N   H2   sing N N 118 
HIS CA  C    sing N N 119 
HIS CA  CB   sing N N 120 
HIS CA  HA   sing N N 121 
HIS C   O    doub N N 122 
HIS C   OXT  sing N N 123 
HIS CB  CG   sing N N 124 
HIS CB  HB2  sing N N 125 
HIS CB  HB3  sing N N 126 
HIS CG  ND1  sing Y N 127 
HIS CG  CD2  doub Y N 128 
HIS ND1 CE1  doub Y N 129 
HIS ND1 HD1  sing N N 130 
HIS CD2 NE2  sing Y N 131 
HIS CD2 HD2  sing N N 132 
HIS CE1 NE2  sing Y N 133 
HIS CE1 HE1  sing N N 134 
HIS NE2 HE2  sing N N 135 
HIS OXT HXT  sing N N 136 
HOH O   H1   sing N N 137 
HOH O   H2   sing N N 138 
ILE N   CA   sing N N 139 
ILE N   H    sing N N 140 
ILE N   H2   sing N N 141 
ILE CA  C    sing N N 142 
ILE CA  CB   sing N N 143 
ILE CA  HA   sing N N 144 
ILE C   O    doub N N 145 
ILE C   OXT  sing N N 146 
ILE CB  CG1  sing N N 147 
ILE CB  CG2  sing N N 148 
ILE CB  HB   sing N N 149 
ILE CG1 CD1  sing N N 150 
ILE CG1 HG12 sing N N 151 
ILE CG1 HG13 sing N N 152 
ILE CG2 HG21 sing N N 153 
ILE CG2 HG22 sing N N 154 
ILE CG2 HG23 sing N N 155 
ILE CD1 HD11 sing N N 156 
ILE CD1 HD12 sing N N 157 
ILE CD1 HD13 sing N N 158 
ILE OXT HXT  sing N N 159 
LEU N   CA   sing N N 160 
LEU N   H    sing N N 161 
LEU N   H2   sing N N 162 
LEU CA  C    sing N N 163 
LEU CA  CB   sing N N 164 
LEU CA  HA   sing N N 165 
LEU C   O    doub N N 166 
LEU C   OXT  sing N N 167 
LEU CB  CG   sing N N 168 
LEU CB  HB2  sing N N 169 
LEU CB  HB3  sing N N 170 
LEU CG  CD1  sing N N 171 
LEU CG  CD2  sing N N 172 
LEU CG  HG   sing N N 173 
LEU CD1 HD11 sing N N 174 
LEU CD1 HD12 sing N N 175 
LEU CD1 HD13 sing N N 176 
LEU CD2 HD21 sing N N 177 
LEU CD2 HD22 sing N N 178 
LEU CD2 HD23 sing N N 179 
LEU OXT HXT  sing N N 180 
LYS N   CA   sing N N 181 
LYS N   H    sing N N 182 
LYS N   H2   sing N N 183 
LYS CA  C    sing N N 184 
LYS CA  CB   sing N N 185 
LYS CA  HA   sing N N 186 
LYS C   O    doub N N 187 
LYS C   OXT  sing N N 188 
LYS CB  CG   sing N N 189 
LYS CB  HB2  sing N N 190 
LYS CB  HB3  sing N N 191 
LYS CG  CD   sing N N 192 
LYS CG  HG2  sing N N 193 
LYS CG  HG3  sing N N 194 
LYS CD  CE   sing N N 195 
LYS CD  HD2  sing N N 196 
LYS CD  HD3  sing N N 197 
LYS CE  NZ   sing N N 198 
LYS CE  HE2  sing N N 199 
LYS CE  HE3  sing N N 200 
LYS NZ  HZ1  sing N N 201 
LYS NZ  HZ2  sing N N 202 
LYS NZ  HZ3  sing N N 203 
LYS OXT HXT  sing N N 204 
MET N   CA   sing N N 205 
MET N   H    sing N N 206 
MET N   H2   sing N N 207 
MET CA  C    sing N N 208 
MET CA  CB   sing N N 209 
MET CA  HA   sing N N 210 
MET C   O    doub N N 211 
MET C   OXT  sing N N 212 
MET CB  CG   sing N N 213 
MET CB  HB2  sing N N 214 
MET CB  HB3  sing N N 215 
MET CG  SD   sing N N 216 
MET CG  HG2  sing N N 217 
MET CG  HG3  sing N N 218 
MET SD  CE   sing N N 219 
MET CE  HE1  sing N N 220 
MET CE  HE2  sing N N 221 
MET CE  HE3  sing N N 222 
MET OXT HXT  sing N N 223 
PRO N   CA   sing N N 224 
PRO N   CD   sing N N 225 
PRO N   H    sing N N 226 
PRO CA  C    sing N N 227 
PRO CA  CB   sing N N 228 
PRO CA  HA   sing N N 229 
PRO C   O    doub N N 230 
PRO C   OXT  sing N N 231 
PRO CB  CG   sing N N 232 
PRO CB  HB2  sing N N 233 
PRO CB  HB3  sing N N 234 
PRO CG  CD   sing N N 235 
PRO CG  HG2  sing N N 236 
PRO CG  HG3  sing N N 237 
PRO CD  HD2  sing N N 238 
PRO CD  HD3  sing N N 239 
PRO OXT HXT  sing N N 240 
SER N   CA   sing N N 241 
SER N   H    sing N N 242 
SER N   H2   sing N N 243 
SER CA  C    sing N N 244 
SER CA  CB   sing N N 245 
SER CA  HA   sing N N 246 
SER C   O    doub N N 247 
SER C   OXT  sing N N 248 
SER CB  OG   sing N N 249 
SER CB  HB2  sing N N 250 
SER CB  HB3  sing N N 251 
SER OG  HG   sing N N 252 
SER OXT HXT  sing N N 253 
THR N   CA   sing N N 254 
THR N   H    sing N N 255 
THR N   H2   sing N N 256 
THR CA  C    sing N N 257 
THR CA  CB   sing N N 258 
THR CA  HA   sing N N 259 
THR C   O    doub N N 260 
THR C   OXT  sing N N 261 
THR CB  OG1  sing N N 262 
THR CB  CG2  sing N N 263 
THR CB  HB   sing N N 264 
THR OG1 HG1  sing N N 265 
THR CG2 HG21 sing N N 266 
THR CG2 HG22 sing N N 267 
THR CG2 HG23 sing N N 268 
THR OXT HXT  sing N N 269 
TYR N   CA   sing N N 270 
TYR N   H    sing N N 271 
TYR N   H2   sing N N 272 
TYR CA  C    sing N N 273 
TYR CA  CB   sing N N 274 
TYR CA  HA   sing N N 275 
TYR C   O    doub N N 276 
TYR C   OXT  sing N N 277 
TYR CB  CG   sing N N 278 
TYR CB  HB2  sing N N 279 
TYR CB  HB3  sing N N 280 
TYR CG  CD1  doub Y N 281 
TYR CG  CD2  sing Y N 282 
TYR CD1 CE1  sing Y N 283 
TYR CD1 HD1  sing N N 284 
TYR CD2 CE2  doub Y N 285 
TYR CD2 HD2  sing N N 286 
TYR CE1 CZ   doub Y N 287 
TYR CE1 HE1  sing N N 288 
TYR CE2 CZ   sing Y N 289 
TYR CE2 HE2  sing N N 290 
TYR CZ  OH   sing N N 291 
TYR OH  HH   sing N N 292 
TYR OXT HXT  sing N N 293 
VAL N   CA   sing N N 294 
VAL N   H    sing N N 295 
VAL N   H2   sing N N 296 
VAL CA  C    sing N N 297 
VAL CA  CB   sing N N 298 
VAL CA  HA   sing N N 299 
VAL C   O    doub N N 300 
VAL C   OXT  sing N N 301 
VAL CB  CG1  sing N N 302 
VAL CB  CG2  sing N N 303 
VAL CB  HB   sing N N 304 
VAL CG1 HG11 sing N N 305 
VAL CG1 HG12 sing N N 306 
VAL CG1 HG13 sing N N 307 
VAL CG2 HG21 sing N N 308 
VAL CG2 HG22 sing N N 309 
VAL CG2 HG23 sing N N 310 
VAL OXT HXT  sing N N 311 
# 
_pdbx_entity_nonpoly.entity_id   2 
_pdbx_entity_nonpoly.name        water 
_pdbx_entity_nonpoly.comp_id     HOH 
# 
_pdbx_initial_refinement_model.id               1 
_pdbx_initial_refinement_model.entity_id_list   ? 
_pdbx_initial_refinement_model.type             'experimental model' 
_pdbx_initial_refinement_model.source_name      PDB 
_pdbx_initial_refinement_model.accession_code   1WNR 
_pdbx_initial_refinement_model.details          'PDB ENTRY 1WNR' 
# 
